data_5FMV
#
_entry.id   5FMV
#
_cell.length_a   94.550
_cell.length_b   59.410
_cell.length_c   100.420
_cell.angle_alpha   90.00
_cell.angle_beta   111.66
_cell.angle_gamma   90.00
#
_symmetry.space_group_name_H-M   'P 1 21 1'
#
loop_
_entity.id
_entity.type
_entity.pdbx_description
1 polymer 'RECEPTOR-TYPE TYROSINE-PROTEIN PHOSPHATASE C'
2 non-polymer 2-acetamido-2-deoxy-beta-D-glucopyranose
3 non-polymer 'SULFATE ION'
#
_entity_poly.entity_id   1
_entity_poly.type   'polypeptide(L)'
_entity_poly.pdbx_seq_one_letter_code
;ETGKPTCDEKYANITVDYLYNKETKLFTAKLNVNENVECGNNTCTNNEVHNLTECKNASVSISHNSCTAPDKTLILDVPP
GVEKFQLHDCTQVEKADTTICLKWKNIETFTCDTQNITYRFQCGNMIFDNKEIKLENLEPEHEYKCDSEILYNNHKFTNA
SKIIKTDFGSPGEPQIIFCRSEAAHQGVITWNPPQRSFHNFTLCYIKETEKDCLNLDKNLIKYDLQNLKPYTKYVLSLHA
YIIAKVQRNGSAAMCHFTTKSAPPSQVWNMTVSMTSDNSMHVKCRPPRDRNGPHERYHLEVEAGNTLVRNESHKNCDFRV
KDLQYSTDYTFKAYFHNGDYPGEPFILHHSTSGTKHHHHHH
;
_entity_poly.pdbx_strand_id   A,B
#
# COMPACT_ATOMS: atom_id res chain seq x y z
N PRO A 5 -11.69 -84.94 20.57
CA PRO A 5 -12.91 -84.62 19.80
C PRO A 5 -12.73 -84.83 18.29
N THR A 6 -13.75 -84.44 17.48
CA THR A 6 -13.79 -84.55 16.02
C THR A 6 -12.86 -83.49 15.46
N CYS A 7 -12.35 -83.66 14.21
CA CYS A 7 -11.46 -82.65 13.62
C CYS A 7 -12.22 -81.35 13.37
N ASP A 8 -13.53 -81.45 13.07
CA ASP A 8 -14.44 -80.31 12.91
C ASP A 8 -14.53 -79.56 14.23
N GLU A 9 -14.43 -80.29 15.37
CA GLU A 9 -14.46 -79.73 16.72
C GLU A 9 -13.11 -79.09 17.06
N LYS A 10 -11.99 -79.83 16.89
CA LYS A 10 -10.63 -79.37 17.18
C LYS A 10 -10.20 -78.14 16.34
N TYR A 11 -10.62 -78.08 15.05
CA TYR A 11 -10.25 -76.97 14.15
C TYR A 11 -11.42 -76.08 13.71
N ALA A 12 -12.51 -76.01 14.49
CA ALA A 12 -13.66 -75.16 14.14
C ALA A 12 -13.31 -73.66 14.09
N ASN A 13 -12.37 -73.20 14.94
CA ASN A 13 -11.95 -71.80 15.03
C ASN A 13 -10.54 -71.53 14.35
N ILE A 14 -10.05 -72.46 13.49
CA ILE A 14 -8.75 -72.35 12.79
C ILE A 14 -8.65 -71.01 12.02
N THR A 15 -7.51 -70.32 12.14
CA THR A 15 -7.27 -69.06 11.43
C THR A 15 -6.23 -69.28 10.32
N VAL A 16 -6.25 -68.40 9.33
CA VAL A 16 -5.40 -68.46 8.15
C VAL A 16 -4.69 -67.13 7.93
N ASP A 17 -3.44 -67.16 7.46
CA ASP A 17 -2.75 -65.95 7.08
C ASP A 17 -2.51 -66.02 5.58
N TYR A 18 -2.78 -64.93 4.87
CA TYR A 18 -2.61 -64.86 3.45
C TYR A 18 -1.30 -64.17 3.09
N LEU A 19 -0.45 -64.89 2.34
CA LEU A 19 0.87 -64.41 1.91
C LEU A 19 0.87 -64.31 0.39
N TYR A 20 0.95 -63.06 -0.12
CA TYR A 20 0.94 -62.75 -1.54
C TYR A 20 2.30 -62.89 -2.16
N ASN A 21 2.32 -63.51 -3.35
CA ASN A 21 3.51 -63.63 -4.15
C ASN A 21 3.34 -62.64 -5.29
N LYS A 22 4.14 -61.55 -5.31
CA LYS A 22 4.07 -60.50 -6.33
C LYS A 22 4.46 -61.02 -7.73
N GLU A 23 5.34 -62.04 -7.82
CA GLU A 23 5.80 -62.65 -9.07
C GLU A 23 4.71 -63.49 -9.73
N THR A 24 3.98 -64.30 -8.95
CA THR A 24 2.94 -65.17 -9.48
C THR A 24 1.56 -64.52 -9.48
N LYS A 25 1.37 -63.45 -8.66
CA LYS A 25 0.09 -62.74 -8.47
C LYS A 25 -0.91 -63.69 -7.77
N LEU A 26 -0.39 -64.68 -7.01
CA LEU A 26 -1.16 -65.69 -6.28
C LEU A 26 -0.88 -65.64 -4.79
N PHE A 27 -1.86 -66.09 -4.00
CA PHE A 27 -1.77 -66.13 -2.55
C PHE A 27 -1.45 -67.53 -2.03
N THR A 28 -0.79 -67.59 -0.88
CA THR A 28 -0.55 -68.80 -0.09
C THR A 28 -1.36 -68.62 1.18
N ALA A 29 -2.14 -69.64 1.57
CA ALA A 29 -2.88 -69.61 2.82
C ALA A 29 -2.10 -70.41 3.84
N LYS A 30 -1.61 -69.75 4.89
CA LYS A 30 -0.89 -70.44 5.96
C LYS A 30 -1.89 -70.75 7.07
N LEU A 31 -2.04 -72.05 7.38
CA LEU A 31 -2.96 -72.52 8.43
C LEU A 31 -2.30 -72.30 9.77
N ASN A 32 -2.95 -71.54 10.68
CA ASN A 32 -2.40 -71.23 12.00
C ASN A 32 -2.67 -72.37 12.97
N VAL A 33 -1.84 -73.43 12.85
CA VAL A 33 -1.85 -74.63 13.67
C VAL A 33 -0.41 -75.07 13.93
N ASN A 34 -0.16 -75.68 15.08
CA ASN A 34 1.18 -76.16 15.44
C ASN A 34 1.51 -77.46 14.68
N GLU A 35 0.70 -78.51 14.88
CA GLU A 35 0.85 -79.85 14.28
C GLU A 35 0.75 -79.85 12.73
N ASN A 36 1.43 -80.82 12.09
CA ASN A 36 1.45 -81.06 10.65
C ASN A 36 0.12 -81.72 10.26
N VAL A 37 -0.81 -80.89 9.81
CA VAL A 37 -2.17 -81.25 9.45
C VAL A 37 -2.25 -81.86 8.03
N GLU A 38 -3.30 -82.67 7.78
CA GLU A 38 -3.51 -83.32 6.49
C GLU A 38 -4.72 -82.72 5.80
N CYS A 39 -4.61 -82.49 4.49
CA CYS A 39 -5.69 -81.92 3.70
C CYS A 39 -6.10 -82.88 2.58
N GLY A 40 -7.42 -83.09 2.46
CA GLY A 40 -8.12 -84.01 1.55
C GLY A 40 -7.53 -84.31 0.20
N ASN A 41 -8.27 -83.91 -0.88
CA ASN A 41 -7.81 -84.06 -2.26
C ASN A 41 -6.59 -83.12 -2.48
N ASN A 42 -6.77 -81.83 -2.10
CA ASN A 42 -5.75 -80.78 -2.22
C ASN A 42 -4.70 -80.93 -1.12
N THR A 43 -3.41 -80.79 -1.49
CA THR A 43 -2.30 -80.91 -0.54
C THR A 43 -2.08 -79.55 0.20
N CYS A 44 -1.55 -79.65 1.43
CA CYS A 44 -1.22 -78.50 2.26
C CYS A 44 0.12 -78.75 2.95
N THR A 45 1.17 -78.88 2.09
CA THR A 45 2.56 -79.12 2.50
C THR A 45 3.02 -78.02 3.44
N ASN A 46 3.44 -78.54 4.60
CA ASN A 46 3.80 -78.04 5.90
C ASN A 46 2.52 -77.81 6.66
N ASN A 47 1.73 -76.83 6.18
CA ASN A 47 0.46 -76.24 6.63
C ASN A 47 0.14 -75.01 5.76
N GLU A 48 0.49 -75.08 4.46
CA GLU A 48 0.30 -74.00 3.51
C GLU A 48 -0.47 -74.47 2.28
N VAL A 49 -1.52 -73.72 1.88
CA VAL A 49 -2.28 -74.00 0.65
C VAL A 49 -1.77 -72.96 -0.37
N HIS A 50 -1.07 -73.41 -1.42
CA HIS A 50 -0.44 -72.52 -2.42
C HIS A 50 -1.28 -72.25 -3.66
N ASN A 51 -0.88 -71.19 -4.43
CA ASN A 51 -1.40 -70.78 -5.73
C ASN A 51 -2.92 -70.57 -5.74
N LEU A 52 -3.38 -69.72 -4.81
CA LEU A 52 -4.79 -69.34 -4.71
C LEU A 52 -5.01 -68.05 -5.45
N THR A 53 -6.00 -68.03 -6.36
CA THR A 53 -6.37 -66.82 -7.10
C THR A 53 -7.08 -65.88 -6.14
N GLU A 54 -6.80 -64.59 -6.28
CA GLU A 54 -7.42 -63.52 -5.49
C GLU A 54 -8.94 -63.52 -5.70
N CYS A 55 -9.70 -63.22 -4.66
CA CYS A 55 -11.16 -63.07 -4.69
C CYS A 55 -11.93 -64.31 -5.19
N LYS A 56 -11.40 -65.50 -4.91
CA LYS A 56 -12.02 -66.78 -5.26
C LYS A 56 -12.02 -67.67 -4.04
N ASN A 57 -13.16 -68.34 -3.79
CA ASN A 57 -13.28 -69.24 -2.66
C ASN A 57 -12.67 -70.58 -3.02
N ALA A 58 -11.94 -71.16 -2.06
CA ALA A 58 -11.34 -72.48 -2.16
C ALA A 58 -11.74 -73.27 -0.90
N SER A 59 -11.93 -74.59 -1.03
CA SER A 59 -12.32 -75.37 0.14
C SER A 59 -11.25 -76.38 0.49
N VAL A 60 -10.95 -76.50 1.79
CA VAL A 60 -9.93 -77.44 2.25
C VAL A 60 -10.50 -78.27 3.44
N SER A 61 -10.41 -79.60 3.34
CA SER A 61 -10.90 -80.50 4.39
C SER A 61 -9.70 -80.90 5.25
N ILE A 62 -9.71 -80.48 6.53
CA ILE A 62 -8.60 -80.66 7.46
C ILE A 62 -8.84 -81.78 8.48
N SER A 63 -7.82 -82.63 8.68
CA SER A 63 -7.79 -83.73 9.64
C SER A 63 -6.37 -83.93 10.21
N HIS A 64 -6.26 -84.72 11.30
CA HIS A 64 -5.02 -85.06 12.02
C HIS A 64 -5.26 -86.33 12.84
N ASN A 65 -4.20 -87.11 13.15
CA ASN A 65 -4.31 -88.37 13.90
C ASN A 65 -4.87 -88.17 15.33
N SER A 66 -4.69 -86.96 15.90
CA SER A 66 -5.15 -86.56 17.23
C SER A 66 -6.67 -86.27 17.28
N CYS A 67 -7.38 -86.34 16.14
CA CYS A 67 -8.82 -86.10 16.10
C CYS A 67 -9.54 -87.07 15.18
N THR A 68 -10.84 -87.28 15.41
CA THR A 68 -11.64 -88.22 14.63
C THR A 68 -12.49 -87.51 13.56
N ALA A 69 -13.14 -88.29 12.68
CA ALA A 69 -14.05 -87.79 11.66
C ALA A 69 -15.29 -87.17 12.34
N PRO A 70 -16.01 -86.17 11.77
CA PRO A 70 -15.81 -85.53 10.46
C PRO A 70 -14.62 -84.59 10.40
N ASP A 71 -14.07 -84.44 9.20
CA ASP A 71 -12.99 -83.49 8.87
C ASP A 71 -13.48 -82.08 9.02
N LYS A 72 -12.59 -81.14 9.32
CA LYS A 72 -12.96 -79.74 9.37
C LYS A 72 -12.94 -79.19 7.94
N THR A 73 -14.11 -78.80 7.42
CA THR A 73 -14.21 -78.20 6.08
C THR A 73 -13.98 -76.69 6.26
N LEU A 74 -12.85 -76.20 5.73
CA LEU A 74 -12.45 -74.81 5.82
C LEU A 74 -12.59 -74.10 4.46
N ILE A 75 -13.37 -73.01 4.44
CA ILE A 75 -13.56 -72.19 3.23
C ILE A 75 -12.54 -71.06 3.27
N LEU A 76 -11.70 -70.99 2.24
CA LEU A 76 -10.69 -69.95 2.12
C LEU A 76 -11.25 -68.83 1.26
N ASP A 77 -11.61 -67.71 1.87
CA ASP A 77 -12.14 -66.56 1.17
C ASP A 77 -10.90 -65.69 0.91
N VAL A 78 -10.29 -65.88 -0.27
CA VAL A 78 -9.03 -65.26 -0.66
C VAL A 78 -9.22 -63.75 -0.92
N PRO A 79 -8.31 -62.90 -0.34
CA PRO A 79 -8.47 -61.44 -0.49
C PRO A 79 -8.06 -60.88 -1.85
N PRO A 80 -8.20 -59.54 -2.08
CA PRO A 80 -7.73 -58.98 -3.35
C PRO A 80 -6.21 -58.83 -3.35
N GLY A 81 -5.62 -58.68 -4.54
CA GLY A 81 -4.19 -58.49 -4.71
C GLY A 81 -3.70 -57.24 -4.01
N VAL A 82 -2.58 -57.36 -3.28
CA VAL A 82 -1.95 -56.30 -2.47
C VAL A 82 -1.61 -55.03 -3.31
N GLU A 83 -1.15 -55.24 -4.55
CA GLU A 83 -0.77 -54.14 -5.44
C GLU A 83 -1.99 -53.31 -5.94
N LYS A 84 -3.22 -53.70 -5.59
CA LYS A 84 -4.43 -53.00 -6.04
C LYS A 84 -4.80 -51.81 -5.09
N PHE A 85 -4.01 -51.60 -4.02
CA PHE A 85 -4.22 -50.51 -3.07
C PHE A 85 -3.00 -49.63 -2.94
N GLN A 86 -3.23 -48.30 -2.83
CA GLN A 86 -2.16 -47.32 -2.68
C GLN A 86 -2.50 -46.29 -1.61
N LEU A 87 -1.57 -46.13 -0.67
CA LEU A 87 -1.73 -45.15 0.38
C LEU A 87 -1.30 -43.74 -0.18
N HIS A 88 -2.26 -42.81 -0.28
CA HIS A 88 -2.11 -41.44 -0.83
C HIS A 88 -2.19 -40.35 0.26
N ASP A 89 -1.38 -39.27 0.11
CA ASP A 89 -1.35 -38.11 1.01
C ASP A 89 -2.31 -37.04 0.42
N CYS A 90 -3.46 -36.83 1.06
CA CYS A 90 -4.47 -35.87 0.57
C CYS A 90 -4.36 -34.49 1.25
N THR A 91 -3.24 -34.22 1.97
CA THR A 91 -3.09 -32.97 2.73
C THR A 91 -3.28 -31.72 1.87
N GLN A 92 -4.23 -30.84 2.35
CA GLN A 92 -4.59 -29.52 1.80
C GLN A 92 -3.42 -28.58 2.04
N VAL A 93 -2.85 -28.04 0.93
CA VAL A 93 -1.65 -27.18 0.92
C VAL A 93 -1.75 -25.96 1.87
N GLU A 94 -2.94 -25.35 2.02
CA GLU A 94 -3.14 -24.18 2.88
C GLU A 94 -3.00 -24.52 4.38
N LYS A 95 -3.22 -25.80 4.73
CA LYS A 95 -3.19 -26.25 6.10
C LYS A 95 -2.10 -27.33 6.34
N ALA A 96 -1.09 -27.42 5.45
CA ALA A 96 -0.01 -28.42 5.49
C ALA A 96 0.91 -28.34 6.72
N ASP A 97 0.98 -27.15 7.34
CA ASP A 97 1.83 -26.89 8.49
C ASP A 97 1.22 -27.43 9.80
N THR A 98 -0.09 -27.72 9.82
CA THR A 98 -0.77 -28.15 11.05
C THR A 98 -1.69 -29.37 10.86
N THR A 99 -1.73 -29.95 9.64
CA THR A 99 -2.64 -31.06 9.34
C THR A 99 -1.96 -32.15 8.50
N ILE A 100 -2.52 -33.36 8.59
CA ILE A 100 -2.17 -34.55 7.81
C ILE A 100 -3.49 -35.17 7.34
N CYS A 101 -3.59 -35.49 6.05
CA CYS A 101 -4.71 -36.21 5.45
C CYS A 101 -4.12 -37.40 4.71
N LEU A 102 -4.57 -38.62 5.05
CA LEU A 102 -4.13 -39.85 4.40
C LEU A 102 -5.33 -40.63 3.96
N LYS A 103 -5.24 -41.25 2.78
CA LYS A 103 -6.33 -41.99 2.16
C LYS A 103 -5.84 -43.18 1.35
N TRP A 104 -6.48 -44.34 1.50
CA TRP A 104 -6.13 -45.49 0.66
C TRP A 104 -6.90 -45.38 -0.65
N LYS A 105 -6.21 -45.57 -1.76
CA LYS A 105 -6.81 -45.55 -3.08
C LYS A 105 -6.87 -46.96 -3.67
N ASN A 106 -8.01 -47.28 -4.29
CA ASN A 106 -8.25 -48.53 -4.98
C ASN A 106 -7.82 -48.31 -6.43
N ILE A 107 -6.57 -48.69 -6.79
CA ILE A 107 -5.99 -48.38 -8.12
C ILE A 107 -6.40 -49.37 -9.25
N GLU A 108 -6.98 -50.53 -8.90
CA GLU A 108 -7.44 -51.54 -9.87
C GLU A 108 -8.64 -52.25 -9.31
N THR A 109 -9.57 -52.69 -10.18
CA THR A 109 -10.77 -53.42 -9.76
C THR A 109 -10.43 -54.83 -9.26
N PHE A 110 -11.27 -55.34 -8.35
CA PHE A 110 -11.21 -56.69 -7.80
C PHE A 110 -12.64 -57.15 -7.57
N THR A 111 -12.89 -58.46 -7.56
CA THR A 111 -14.26 -58.97 -7.44
C THR A 111 -14.72 -59.18 -5.99
N CYS A 112 -13.80 -59.18 -4.99
CA CYS A 112 -14.15 -59.28 -3.55
C CYS A 112 -15.17 -58.19 -3.21
N ASP A 113 -16.09 -58.47 -2.28
CA ASP A 113 -17.05 -57.48 -1.82
C ASP A 113 -16.31 -56.48 -0.91
N THR A 114 -16.49 -55.18 -1.17
CA THR A 114 -15.79 -54.12 -0.42
C THR A 114 -16.34 -53.95 1.01
N GLN A 115 -17.57 -54.45 1.29
CA GLN A 115 -18.17 -54.37 2.62
C GLN A 115 -17.38 -55.18 3.66
N ASN A 116 -16.50 -56.10 3.20
CA ASN A 116 -15.67 -56.92 4.09
C ASN A 116 -14.22 -56.38 4.15
N ILE A 117 -13.99 -55.21 3.52
CA ILE A 117 -12.69 -54.55 3.50
C ILE A 117 -12.68 -53.41 4.54
N THR A 118 -11.74 -53.49 5.51
CA THR A 118 -11.60 -52.47 6.55
C THR A 118 -10.13 -51.90 6.59
N TYR A 119 -10.02 -50.60 6.81
CA TYR A 119 -8.75 -49.88 6.80
C TYR A 119 -8.45 -49.37 8.22
N ARG A 120 -7.23 -49.60 8.73
CA ARG A 120 -6.85 -49.09 10.05
C ARG A 120 -5.62 -48.19 9.96
N PHE A 121 -5.54 -47.14 10.80
CA PHE A 121 -4.39 -46.24 10.85
C PHE A 121 -3.97 -45.99 12.28
N GLN A 122 -2.66 -45.74 12.47
CA GLN A 122 -2.09 -45.33 13.73
C GLN A 122 -1.08 -44.20 13.45
N CYS A 123 -1.43 -43.00 13.89
CA CYS A 123 -0.62 -41.78 13.79
C CYS A 123 -0.35 -41.38 15.21
N GLY A 124 0.93 -41.33 15.55
CA GLY A 124 1.35 -41.12 16.92
C GLY A 124 0.83 -42.35 17.64
N ASN A 125 -0.09 -42.14 18.59
CA ASN A 125 -0.76 -43.20 19.33
C ASN A 125 -2.27 -43.25 19.03
N MET A 126 -2.77 -42.37 18.13
CA MET A 126 -4.20 -42.31 17.79
C MET A 126 -4.51 -43.41 16.79
N ILE A 127 -5.57 -44.21 17.04
CA ILE A 127 -5.97 -45.31 16.15
C ILE A 127 -7.30 -44.98 15.49
N PHE A 128 -7.32 -45.08 14.16
CA PHE A 128 -8.47 -44.80 13.33
C PHE A 128 -8.93 -46.00 12.54
N ASP A 129 -10.23 -46.10 12.26
CA ASP A 129 -10.83 -47.13 11.42
C ASP A 129 -11.67 -46.43 10.37
N ASN A 130 -11.10 -46.25 9.17
CA ASN A 130 -11.71 -45.63 7.99
C ASN A 130 -10.72 -45.64 6.83
N LYS A 131 -11.24 -45.60 5.57
CA LYS A 131 -10.47 -45.55 4.32
C LYS A 131 -9.58 -44.30 4.28
N GLU A 132 -10.06 -43.19 4.86
CA GLU A 132 -9.33 -41.92 4.93
C GLU A 132 -9.40 -41.29 6.33
N ILE A 133 -8.30 -40.60 6.73
CA ILE A 133 -8.16 -39.95 8.04
C ILE A 133 -7.55 -38.55 7.95
N LYS A 134 -7.78 -37.69 8.99
CA LYS A 134 -7.29 -36.33 9.06
C LYS A 134 -6.84 -36.00 10.47
N LEU A 135 -5.64 -35.45 10.62
CA LEU A 135 -5.08 -35.00 11.91
C LEU A 135 -4.95 -33.51 11.84
N GLU A 136 -5.32 -32.81 12.92
CA GLU A 136 -5.32 -31.35 13.00
C GLU A 136 -4.56 -30.89 14.24
N ASN A 137 -4.21 -29.58 14.30
CA ASN A 137 -3.50 -28.93 15.42
C ASN A 137 -2.09 -29.45 15.60
N LEU A 138 -1.50 -29.96 14.53
CA LEU A 138 -0.13 -30.45 14.58
C LEU A 138 0.80 -29.27 14.69
N GLU A 139 1.89 -29.45 15.40
CA GLU A 139 2.92 -28.42 15.56
C GLU A 139 3.69 -28.30 14.26
N PRO A 140 3.91 -27.10 13.63
CA PRO A 140 4.73 -27.06 12.38
C PRO A 140 6.18 -27.47 12.59
N GLU A 141 6.88 -27.95 11.52
CA GLU A 141 8.32 -28.31 11.49
C GLU A 141 8.66 -29.63 12.27
N HIS A 142 7.75 -30.59 12.23
CA HIS A 142 7.83 -31.89 12.90
C HIS A 142 7.61 -32.98 11.93
N GLU A 143 7.99 -34.20 12.35
CA GLU A 143 7.88 -35.39 11.52
C GLU A 143 7.14 -36.50 12.24
N TYR A 144 6.15 -37.11 11.56
CA TYR A 144 5.30 -38.15 12.16
C TYR A 144 5.23 -39.40 11.31
N LYS A 145 5.20 -40.56 11.98
CA LYS A 145 5.12 -41.85 11.31
C LYS A 145 3.72 -42.43 11.47
N CYS A 146 2.99 -42.43 10.36
CA CYS A 146 1.64 -42.96 10.32
C CYS A 146 1.65 -44.39 9.72
N ASP A 147 1.29 -45.39 10.53
CA ASP A 147 1.22 -46.79 10.11
C ASP A 147 -0.23 -47.17 9.74
N SER A 148 -0.42 -48.00 8.72
CA SER A 148 -1.75 -48.41 8.26
C SER A 148 -1.78 -49.87 7.79
N GLU A 149 -2.95 -50.52 7.88
CA GLU A 149 -3.14 -51.88 7.38
C GLU A 149 -4.54 -52.04 6.78
N ILE A 150 -4.69 -53.02 5.87
CA ILE A 150 -5.98 -53.36 5.27
C ILE A 150 -6.34 -54.77 5.64
N LEU A 151 -7.57 -54.93 6.12
CA LEU A 151 -8.16 -56.18 6.53
C LEU A 151 -9.26 -56.60 5.55
N TYR A 152 -9.39 -57.91 5.34
CA TYR A 152 -10.43 -58.58 4.57
C TYR A 152 -11.02 -59.62 5.50
N ASN A 153 -12.32 -59.49 5.85
CA ASN A 153 -12.98 -60.36 6.84
C ASN A 153 -12.20 -60.32 8.18
N ASN A 154 -11.70 -59.12 8.58
CA ASN A 154 -10.90 -58.82 9.79
C ASN A 154 -9.49 -59.46 9.75
N HIS A 155 -9.06 -59.99 8.58
CA HIS A 155 -7.74 -60.58 8.38
C HIS A 155 -6.84 -59.62 7.65
N LYS A 156 -5.67 -59.29 8.22
CA LYS A 156 -4.72 -58.39 7.58
C LYS A 156 -4.09 -59.07 6.37
N PHE A 157 -4.16 -58.42 5.19
CA PHE A 157 -3.53 -58.97 3.98
C PHE A 157 -2.47 -58.00 3.40
N THR A 158 -2.50 -56.71 3.81
CA THR A 158 -1.54 -55.70 3.37
C THR A 158 -1.42 -54.56 4.39
N ASN A 159 -0.32 -53.79 4.28
CA ASN A 159 -0.03 -52.69 5.17
C ASN A 159 1.02 -51.77 4.55
N ALA A 160 1.15 -50.55 5.11
CA ALA A 160 2.10 -49.52 4.66
C ALA A 160 2.32 -48.48 5.76
N SER A 161 3.41 -47.71 5.62
CA SER A 161 3.79 -46.65 6.53
C SER A 161 4.05 -45.40 5.77
N LYS A 162 3.68 -44.28 6.36
CA LYS A 162 3.95 -43.00 5.74
C LYS A 162 4.48 -42.04 6.76
N ILE A 163 5.70 -41.55 6.49
CA ILE A 163 6.40 -40.57 7.29
C ILE A 163 6.06 -39.21 6.65
N ILE A 164 5.43 -38.32 7.43
CA ILE A 164 5.01 -36.97 6.98
C ILE A 164 5.67 -35.89 7.81
N LYS A 165 6.07 -34.79 7.15
CA LYS A 165 6.65 -33.60 7.75
C LYS A 165 5.63 -32.42 7.68
N THR A 166 5.51 -31.59 8.75
CA THR A 166 4.58 -30.42 8.75
C THR A 166 5.44 -29.21 8.23
N ASP A 167 4.90 -28.34 7.32
CA ASP A 167 5.47 -27.16 6.63
C ASP A 167 6.02 -26.03 7.60
N PHE A 168 6.11 -24.75 7.15
CA PHE A 168 6.62 -23.63 7.95
C PHE A 168 5.45 -22.77 8.50
N GLY A 169 5.34 -22.71 9.84
CA GLY A 169 4.26 -21.99 10.53
C GLY A 169 4.63 -20.68 11.19
N SER A 170 3.73 -19.68 11.02
CA SER A 170 3.68 -18.29 11.50
C SER A 170 4.97 -17.75 12.17
N PRO A 171 5.74 -16.86 11.49
CA PRO A 171 6.92 -16.27 12.14
C PRO A 171 6.51 -15.07 13.03
N GLY A 172 7.39 -14.09 13.18
CA GLY A 172 7.13 -12.87 13.95
C GLY A 172 6.94 -13.02 15.45
N GLU A 173 6.72 -11.89 16.19
CA GLU A 173 6.66 -10.51 15.67
C GLU A 173 7.98 -9.75 15.94
N PRO A 174 8.35 -8.75 15.09
CA PRO A 174 9.60 -8.00 15.37
C PRO A 174 9.39 -7.01 16.52
N GLN A 175 10.48 -6.58 17.18
CA GLN A 175 10.38 -5.64 18.30
C GLN A 175 10.97 -4.30 17.92
N ILE A 176 10.16 -3.25 18.03
CA ILE A 176 10.54 -1.88 17.71
C ILE A 176 11.34 -1.30 18.89
N ILE A 177 12.54 -0.78 18.58
CA ILE A 177 13.41 -0.11 19.55
C ILE A 177 12.78 1.26 19.82
N PHE A 178 12.36 1.95 18.73
CA PHE A 178 11.68 3.25 18.70
C PHE A 178 11.31 3.64 17.28
N CYS A 179 10.14 4.28 17.12
CA CYS A 179 9.73 4.88 15.87
C CYS A 179 9.36 6.32 16.18
N ARG A 180 10.10 7.25 15.56
CA ARG A 180 9.96 8.68 15.83
C ARG A 180 10.15 9.56 14.59
N SER A 181 9.80 10.85 14.72
CA SER A 181 9.91 11.89 13.71
C SER A 181 10.63 13.11 14.28
N GLU A 182 11.76 13.47 13.65
CA GLU A 182 12.62 14.60 14.03
C GLU A 182 12.52 15.72 12.99
N ALA A 183 11.77 15.46 11.89
CA ALA A 183 11.53 16.36 10.76
C ALA A 183 10.04 16.40 10.42
N ALA A 184 9.63 17.28 9.50
CA ALA A 184 8.24 17.45 9.09
C ALA A 184 7.80 16.44 8.01
N HIS A 185 8.74 16.01 7.16
CA HIS A 185 8.46 15.11 6.04
C HIS A 185 9.11 13.74 6.21
N GLN A 186 9.82 13.52 7.33
CA GLN A 186 10.51 12.27 7.58
C GLN A 186 10.20 11.67 8.95
N GLY A 187 10.43 10.37 9.06
CA GLY A 187 10.27 9.54 10.24
C GLY A 187 11.19 8.34 10.14
N VAL A 188 11.44 7.66 11.27
CA VAL A 188 12.34 6.51 11.27
C VAL A 188 11.77 5.38 12.17
N ILE A 189 12.13 4.13 11.85
CA ILE A 189 11.70 2.94 12.61
C ILE A 189 12.92 2.03 12.79
N THR A 190 13.28 1.76 14.06
CA THR A 190 14.39 0.90 14.46
C THR A 190 13.80 -0.36 15.08
N TRP A 191 14.27 -1.55 14.65
CA TRP A 191 13.71 -2.79 15.18
C TRP A 191 14.73 -3.94 15.25
N ASN A 192 14.30 -5.08 15.85
CA ASN A 192 15.03 -6.34 15.98
C ASN A 192 14.27 -7.43 15.21
N PRO A 193 14.97 -8.30 14.45
CA PRO A 193 14.25 -9.35 13.70
C PRO A 193 13.68 -10.46 14.60
N PRO A 194 12.57 -11.15 14.20
CA PRO A 194 12.05 -12.23 15.05
C PRO A 194 12.95 -13.48 15.00
N GLN A 195 12.85 -14.32 16.05
CA GLN A 195 13.68 -15.52 16.22
C GLN A 195 13.29 -16.65 15.23
N ARG A 196 12.05 -16.66 14.71
CA ARG A 196 11.58 -17.69 13.78
C ARG A 196 12.10 -17.43 12.36
N SER A 197 12.03 -18.45 11.49
CA SER A 197 12.45 -18.37 10.10
C SER A 197 11.44 -17.59 9.26
N PHE A 198 11.90 -16.55 8.56
CA PHE A 198 11.08 -15.69 7.70
C PHE A 198 11.80 -15.38 6.38
N HIS A 199 11.07 -14.84 5.38
CA HIS A 199 11.63 -14.52 4.06
C HIS A 199 11.80 -13.02 3.84
N ASN A 200 10.87 -12.20 4.37
CA ASN A 200 10.87 -10.74 4.24
C ASN A 200 10.02 -10.05 5.32
N PHE A 201 9.92 -8.71 5.24
CA PHE A 201 9.14 -7.83 6.14
C PHE A 201 8.09 -7.04 5.36
N THR A 202 7.05 -6.58 6.07
CA THR A 202 6.00 -5.72 5.50
C THR A 202 5.74 -4.56 6.46
N LEU A 203 5.98 -3.35 5.97
CA LEU A 203 5.77 -2.11 6.73
C LEU A 203 4.56 -1.38 6.18
N CYS A 204 3.64 -0.97 7.06
CA CYS A 204 2.46 -0.21 6.63
C CYS A 204 2.29 1.02 7.52
N TYR A 205 2.20 2.21 6.90
CA TYR A 205 1.99 3.46 7.65
C TYR A 205 0.60 4.02 7.32
N ILE A 206 -0.23 4.14 8.35
CA ILE A 206 -1.62 4.59 8.22
C ILE A 206 -1.81 6.01 8.79
N LYS A 207 -2.33 6.93 7.96
CA LYS A 207 -2.71 8.28 8.38
C LYS A 207 -4.26 8.28 8.42
N GLU A 208 -4.92 9.44 8.60
CA GLU A 208 -6.39 9.49 8.68
C GLU A 208 -7.10 8.74 7.54
N THR A 209 -6.87 9.17 6.27
CA THR A 209 -7.53 8.58 5.09
C THR A 209 -6.73 7.45 4.40
N GLU A 210 -5.45 7.66 4.07
CA GLU A 210 -4.64 6.68 3.35
C GLU A 210 -3.94 5.66 4.23
N LYS A 211 -3.61 4.49 3.63
CA LYS A 211 -2.86 3.36 4.18
C LYS A 211 -1.90 2.91 3.09
N ASP A 212 -0.58 3.11 3.31
CA ASP A 212 0.45 2.74 2.35
C ASP A 212 1.26 1.56 2.88
N CYS A 213 1.52 0.55 2.03
CA CYS A 213 2.25 -0.65 2.45
C CYS A 213 3.49 -0.90 1.59
N LEU A 214 4.53 -1.51 2.20
CA LEU A 214 5.82 -1.73 1.56
C LEU A 214 6.45 -3.08 1.90
N ASN A 215 7.11 -3.71 0.92
CA ASN A 215 7.82 -4.95 1.17
C ASN A 215 9.31 -4.65 1.27
N LEU A 216 9.88 -4.86 2.47
CA LEU A 216 11.29 -4.59 2.75
C LEU A 216 12.09 -5.88 2.75
N ASP A 217 13.42 -5.78 2.57
CA ASP A 217 14.33 -6.93 2.59
C ASP A 217 14.49 -7.44 4.02
N LYS A 218 14.66 -8.77 4.18
CA LYS A 218 14.78 -9.44 5.48
C LYS A 218 16.05 -9.04 6.25
N ASN A 219 17.05 -8.47 5.55
CA ASN A 219 18.34 -8.09 6.12
C ASN A 219 18.31 -6.75 6.87
N LEU A 220 17.58 -5.74 6.38
CA LEU A 220 17.56 -4.41 7.02
C LEU A 220 16.71 -4.42 8.32
N ILE A 221 17.20 -3.68 9.35
CA ILE A 221 16.55 -3.55 10.66
C ILE A 221 16.29 -2.04 11.01
N LYS A 222 16.23 -1.17 9.96
CA LYS A 222 15.99 0.27 10.06
C LYS A 222 15.39 0.79 8.74
N TYR A 223 14.33 1.59 8.83
CA TYR A 223 13.72 2.18 7.64
C TYR A 223 13.47 3.66 7.83
N ASP A 224 13.94 4.47 6.86
CA ASP A 224 13.80 5.91 6.84
C ASP A 224 12.55 6.28 6.06
N LEU A 225 11.46 6.63 6.75
CA LEU A 225 10.21 7.01 6.10
C LEU A 225 10.36 8.39 5.48
N GLN A 226 10.25 8.45 4.15
CA GLN A 226 10.40 9.71 3.42
C GLN A 226 9.06 10.15 2.84
N ASN A 227 8.99 11.41 2.39
CA ASN A 227 7.86 12.08 1.75
C ASN A 227 6.56 11.99 2.60
N LEU A 228 6.63 12.51 3.84
CA LEU A 228 5.49 12.52 4.77
C LEU A 228 4.88 13.94 4.83
N LYS A 229 3.61 14.04 5.28
CA LYS A 229 2.92 15.33 5.37
C LYS A 229 3.16 15.96 6.76
N PRO A 230 3.55 17.26 6.87
CA PRO A 230 3.77 17.84 8.21
C PRO A 230 2.53 17.84 9.10
N TYR A 231 2.77 17.76 10.42
CA TYR A 231 1.78 17.77 11.51
C TYR A 231 0.64 16.75 11.32
N THR A 232 1.01 15.48 11.04
CA THR A 232 0.04 14.39 10.86
C THR A 232 0.50 13.14 11.61
N LYS A 233 -0.46 12.41 12.21
CA LYS A 233 -0.19 11.19 12.97
C LYS A 233 -0.10 9.99 12.03
N TYR A 234 0.98 9.21 12.15
CA TYR A 234 1.21 8.02 11.38
C TYR A 234 1.27 6.81 12.29
N VAL A 235 0.41 5.82 12.01
CA VAL A 235 0.34 4.57 12.74
C VAL A 235 1.07 3.54 11.90
N LEU A 236 2.22 3.08 12.39
CA LEU A 236 3.06 2.10 11.70
C LEU A 236 2.74 0.69 12.19
N SER A 237 2.85 -0.30 11.29
CA SER A 237 2.61 -1.71 11.55
C SER A 237 3.69 -2.52 10.83
N LEU A 238 4.45 -3.32 11.58
CA LEU A 238 5.52 -4.12 10.99
C LEU A 238 5.35 -5.59 11.33
N HIS A 239 5.33 -6.43 10.29
CA HIS A 239 5.23 -7.88 10.44
C HIS A 239 6.14 -8.57 9.45
N ALA A 240 6.57 -9.78 9.80
CA ALA A 240 7.42 -10.62 8.97
C ALA A 240 6.57 -11.73 8.34
N TYR A 241 6.98 -12.20 7.15
CA TYR A 241 6.28 -13.28 6.46
C TYR A 241 7.27 -14.28 5.85
N ILE A 242 6.77 -15.45 5.44
CA ILE A 242 7.56 -16.50 4.79
C ILE A 242 6.72 -17.12 3.65
N ILE A 243 7.39 -17.47 2.55
CA ILE A 243 6.70 -18.08 1.41
C ILE A 243 6.99 -19.58 1.48
N ALA A 244 6.06 -20.32 2.07
CA ALA A 244 6.10 -21.77 2.20
C ALA A 244 5.30 -22.38 1.03
N LYS A 245 4.40 -23.35 1.28
CA LYS A 245 3.55 -23.88 0.21
C LYS A 245 2.40 -22.90 -0.03
N VAL A 246 2.33 -21.88 0.87
CA VAL A 246 1.40 -20.77 0.95
C VAL A 246 2.10 -19.66 1.80
N GLN A 247 1.71 -18.38 1.61
CA GLN A 247 2.32 -17.27 2.37
C GLN A 247 1.81 -17.30 3.82
N ARG A 248 2.73 -17.22 4.80
CA ARG A 248 2.37 -17.23 6.22
C ARG A 248 2.86 -15.97 6.92
N ASN A 249 1.94 -15.05 7.27
CA ASN A 249 2.32 -13.80 7.95
C ASN A 249 2.34 -13.98 9.46
N GLY A 250 3.36 -13.42 10.09
CA GLY A 250 3.50 -13.44 11.54
C GLY A 250 2.73 -12.32 12.17
N SER A 251 2.71 -12.29 13.53
CA SER A 251 2.05 -11.24 14.31
C SER A 251 2.63 -9.86 13.96
N ALA A 252 1.80 -8.80 14.04
CA ALA A 252 2.25 -7.45 13.68
C ALA A 252 2.47 -6.57 14.89
N ALA A 253 3.64 -5.93 14.96
CA ALA A 253 4.02 -4.99 16.00
C ALA A 253 3.59 -3.59 15.58
N MET A 254 2.98 -2.83 16.51
CA MET A 254 2.46 -1.50 16.21
C MET A 254 3.16 -0.41 17.01
N CYS A 255 3.25 0.78 16.40
CA CYS A 255 3.83 1.99 16.99
C CYS A 255 3.27 3.21 16.25
N HIS A 256 3.35 4.39 16.87
CA HIS A 256 2.84 5.62 16.24
C HIS A 256 3.68 6.86 16.58
N PHE A 257 3.53 7.91 15.76
CA PHE A 257 4.16 9.23 15.94
C PHE A 257 3.45 10.27 15.10
N THR A 258 3.48 11.53 15.56
CA THR A 258 2.94 12.68 14.82
C THR A 258 4.17 13.45 14.35
N THR A 259 4.21 13.74 13.04
CA THR A 259 5.34 14.40 12.41
C THR A 259 5.35 15.91 12.78
N LYS A 260 6.55 16.53 12.76
CA LYS A 260 6.77 17.92 13.17
C LYS A 260 6.04 18.91 12.24
N SER A 261 5.70 20.11 12.76
CA SER A 261 5.07 21.16 11.96
C SER A 261 6.10 21.81 11.05
N ALA A 262 5.65 22.49 10.00
CA ALA A 262 6.53 23.13 9.02
C ALA A 262 5.90 24.43 8.51
N PRO A 263 6.61 25.30 7.74
CA PRO A 263 5.94 26.49 7.20
C PRO A 263 4.78 26.11 6.29
N PRO A 264 3.64 26.84 6.35
CA PRO A 264 2.51 26.49 5.47
C PRO A 264 2.77 26.86 4.01
N SER A 265 1.95 26.29 3.10
CA SER A 265 2.05 26.59 1.69
C SER A 265 1.58 28.04 1.46
N GLN A 266 1.83 28.62 0.26
CA GLN A 266 1.41 30.00 0.00
C GLN A 266 -0.11 30.08 -0.03
N VAL A 267 -0.69 31.24 0.37
CA VAL A 267 -2.14 31.49 0.32
C VAL A 267 -2.62 31.34 -1.14
N TRP A 268 -3.89 30.99 -1.32
CA TRP A 268 -4.42 30.78 -2.66
C TRP A 268 -5.18 32.00 -3.18
N ASN A 269 -5.07 32.23 -4.50
CA ASN A 269 -5.76 33.26 -5.29
C ASN A 269 -5.87 34.62 -4.58
N MET A 270 -4.72 35.21 -4.20
CA MET A 270 -4.70 36.53 -3.58
C MET A 270 -5.12 37.61 -4.59
N THR A 271 -5.93 38.59 -4.12
CA THR A 271 -6.41 39.70 -4.95
C THR A 271 -6.40 41.01 -4.18
N VAL A 272 -6.09 42.10 -4.88
CA VAL A 272 -6.09 43.48 -4.40
C VAL A 272 -7.02 44.25 -5.32
N SER A 273 -8.08 44.89 -4.79
CA SER A 273 -9.00 45.65 -5.62
C SER A 273 -9.33 47.00 -4.97
N MET A 274 -9.33 48.07 -5.78
CA MET A 274 -9.61 49.43 -5.30
C MET A 274 -11.05 49.60 -4.83
N THR A 275 -11.22 50.16 -3.63
CA THR A 275 -12.54 50.45 -3.05
C THR A 275 -12.80 51.96 -3.09
N SER A 276 -11.72 52.75 -3.30
CA SER A 276 -11.71 54.21 -3.47
C SER A 276 -10.39 54.64 -4.13
N ASP A 277 -10.09 55.95 -4.13
CA ASP A 277 -8.86 56.46 -4.72
C ASP A 277 -7.65 56.15 -3.82
N ASN A 278 -7.86 55.92 -2.50
CA ASN A 278 -6.78 55.64 -1.55
C ASN A 278 -7.07 54.40 -0.66
N SER A 279 -7.98 53.50 -1.08
CA SER A 279 -8.27 52.31 -0.27
C SER A 279 -8.38 51.06 -1.12
N MET A 280 -7.80 49.96 -0.62
CA MET A 280 -7.78 48.66 -1.28
C MET A 280 -8.51 47.59 -0.47
N HIS A 281 -9.03 46.56 -1.15
CA HIS A 281 -9.66 45.43 -0.51
C HIS A 281 -8.84 44.20 -0.87
N VAL A 282 -8.18 43.62 0.13
CA VAL A 282 -7.29 42.47 -0.03
C VAL A 282 -7.97 41.23 0.51
N LYS A 283 -8.07 40.22 -0.34
CA LYS A 283 -8.67 38.95 0.00
C LYS A 283 -7.90 37.83 -0.69
N CYS A 284 -7.82 36.68 -0.01
CA CYS A 284 -7.14 35.48 -0.49
C CYS A 284 -7.88 34.24 0.05
N ARG A 285 -7.53 33.05 -0.46
CA ARG A 285 -8.12 31.77 -0.04
C ARG A 285 -7.11 31.02 0.84
N PRO A 286 -7.54 30.08 1.74
CA PRO A 286 -6.57 29.42 2.63
C PRO A 286 -5.50 28.65 1.86
N PRO A 287 -4.29 28.46 2.48
CA PRO A 287 -3.28 27.64 1.81
C PRO A 287 -3.75 26.18 1.74
N ARG A 288 -3.30 25.42 0.72
CA ARG A 288 -3.73 24.02 0.56
C ARG A 288 -3.22 23.20 1.74
N ASP A 289 -1.96 23.46 2.16
CA ASP A 289 -1.26 22.82 3.27
C ASP A 289 -1.04 23.86 4.37
N ARG A 290 -1.80 23.74 5.47
CA ARG A 290 -1.66 24.62 6.65
C ARG A 290 -0.44 24.21 7.48
N ASN A 291 -0.19 22.88 7.59
CA ASN A 291 0.94 22.21 8.26
C ASN A 291 1.14 22.52 9.75
N GLY A 292 0.19 23.22 10.39
CA GLY A 292 0.31 23.59 11.80
C GLY A 292 -0.95 23.55 12.62
N PRO A 293 -0.87 23.91 13.93
CA PRO A 293 -2.06 23.82 14.78
C PRO A 293 -3.08 24.97 14.71
N HIS A 294 -2.63 26.22 14.58
CA HIS A 294 -3.52 27.38 14.61
C HIS A 294 -3.72 28.04 13.24
N GLU A 295 -4.58 29.08 13.20
CA GLU A 295 -4.92 29.82 11.98
C GLU A 295 -4.83 31.32 12.16
N ARG A 296 -4.19 32.00 11.20
CA ARG A 296 -4.02 33.46 11.20
C ARG A 296 -3.52 33.93 9.84
N TYR A 297 -4.12 35.02 9.33
CA TYR A 297 -3.68 35.62 8.07
C TYR A 297 -3.02 36.94 8.38
N HIS A 298 -1.85 37.15 7.77
CA HIS A 298 -1.05 38.34 7.97
C HIS A 298 -0.91 39.12 6.67
N LEU A 299 -0.93 40.44 6.78
CA LEU A 299 -0.76 41.31 5.63
C LEU A 299 0.29 42.35 5.93
N GLU A 300 1.26 42.46 5.03
CA GLU A 300 2.33 43.43 5.11
C GLU A 300 2.21 44.32 3.89
N VAL A 301 2.07 45.64 4.13
CA VAL A 301 1.97 46.63 3.06
C VAL A 301 3.27 47.42 3.07
N GLU A 302 3.93 47.47 1.90
CA GLU A 302 5.19 48.19 1.74
C GLU A 302 5.04 49.29 0.74
N ALA A 303 5.80 50.36 0.92
CA ALA A 303 5.83 51.51 0.03
C ALA A 303 7.24 52.01 -0.05
N GLY A 304 7.78 52.04 -1.26
CA GLY A 304 9.13 52.50 -1.53
C GLY A 304 10.21 51.73 -0.78
N ASN A 305 10.12 50.39 -0.83
CA ASN A 305 11.03 49.42 -0.20
C ASN A 305 11.11 49.61 1.34
N THR A 306 9.97 49.98 1.97
CA THR A 306 9.84 50.16 3.42
C THR A 306 8.47 49.69 3.87
N LEU A 307 8.40 48.95 4.98
CA LEU A 307 7.14 48.47 5.54
C LEU A 307 6.35 49.65 6.13
N VAL A 308 5.13 49.87 5.62
CA VAL A 308 4.25 50.97 6.07
C VAL A 308 3.06 50.45 6.90
N ARG A 309 2.55 49.23 6.61
CA ARG A 309 1.43 48.65 7.36
C ARG A 309 1.61 47.16 7.61
N ASN A 310 1.21 46.72 8.81
CA ASN A 310 1.26 45.32 9.22
C ASN A 310 0.01 44.99 10.04
N GLU A 311 -0.93 44.27 9.42
CA GLU A 311 -2.23 43.86 9.97
C GLU A 311 -2.38 42.33 9.99
N SER A 312 -3.17 41.81 10.93
CA SER A 312 -3.46 40.37 11.06
C SER A 312 -4.93 40.12 11.37
N HIS A 313 -5.49 39.04 10.80
CA HIS A 313 -6.87 38.64 11.02
C HIS A 313 -7.02 37.12 11.04
N LYS A 314 -8.16 36.62 11.54
CA LYS A 314 -8.48 35.19 11.58
C LYS A 314 -8.88 34.71 10.17
N ASN A 315 -9.39 35.65 9.34
CA ASN A 315 -9.82 35.42 7.95
C ASN A 315 -8.99 36.29 7.00
N CYS A 316 -8.77 35.78 5.78
CA CYS A 316 -7.99 36.52 4.78
C CYS A 316 -8.85 37.55 4.06
N ASP A 317 -9.28 38.58 4.80
CA ASP A 317 -10.09 39.68 4.31
C ASP A 317 -9.62 40.94 5.03
N PHE A 318 -8.89 41.79 4.29
CA PHE A 318 -8.30 43.03 4.80
C PHE A 318 -8.81 44.23 4.01
N ARG A 319 -9.19 45.29 4.72
CA ARG A 319 -9.61 46.56 4.14
C ARG A 319 -8.55 47.58 4.49
N VAL A 320 -7.68 47.90 3.52
CA VAL A 320 -6.57 48.85 3.74
C VAL A 320 -7.08 50.23 3.33
N LYS A 321 -7.29 51.11 4.30
CA LYS A 321 -7.86 52.43 4.11
C LYS A 321 -6.85 53.55 4.38
N ASP A 322 -7.22 54.78 3.95
CA ASP A 322 -6.50 56.04 4.16
C ASP A 322 -5.01 55.96 3.76
N LEU A 323 -4.74 55.49 2.53
CA LEU A 323 -3.39 55.40 1.98
C LEU A 323 -3.06 56.70 1.27
N GLN A 324 -1.80 56.87 0.85
CA GLN A 324 -1.36 58.04 0.10
C GLN A 324 -1.79 57.89 -1.34
N TYR A 325 -2.22 59.00 -1.97
CA TYR A 325 -2.69 59.03 -3.36
C TYR A 325 -1.49 58.95 -4.32
N SER A 326 -1.71 58.44 -5.56
CA SER A 326 -0.70 58.29 -6.62
C SER A 326 0.61 57.64 -6.10
N THR A 327 0.48 56.49 -5.42
CA THR A 327 1.61 55.78 -4.82
C THR A 327 1.54 54.28 -5.15
N ASP A 328 2.67 53.69 -5.58
CA ASP A 328 2.79 52.27 -5.91
C ASP A 328 3.02 51.49 -4.62
N TYR A 329 2.06 50.61 -4.26
CA TYR A 329 2.13 49.81 -3.03
C TYR A 329 2.34 48.32 -3.31
N THR A 330 3.05 47.64 -2.39
CA THR A 330 3.32 46.20 -2.43
C THR A 330 2.53 45.57 -1.30
N PHE A 331 1.80 44.48 -1.62
CA PHE A 331 0.96 43.76 -0.67
C PHE A 331 1.46 42.33 -0.51
N LYS A 332 1.98 42.01 0.69
CA LYS A 332 2.54 40.70 1.07
C LYS A 332 1.61 40.00 2.07
N ALA A 333 0.86 38.99 1.61
CA ALA A 333 -0.07 38.25 2.47
C ALA A 333 0.38 36.82 2.66
N TYR A 334 0.31 36.34 3.91
CA TYR A 334 0.75 35.01 4.27
C TYR A 334 -0.03 34.49 5.47
N PHE A 335 -0.05 33.16 5.63
CA PHE A 335 -0.68 32.42 6.71
C PHE A 335 0.36 32.09 7.79
N HIS A 336 -0.06 32.07 9.07
CA HIS A 336 0.80 31.67 10.17
C HIS A 336 0.06 30.61 10.96
N ASN A 337 0.62 29.41 11.00
CA ASN A 337 0.00 28.24 11.66
C ASN A 337 0.24 28.20 13.19
N GLY A 338 0.95 29.19 13.69
CA GLY A 338 1.27 29.30 15.11
C GLY A 338 2.73 28.98 15.38
N ASP A 339 3.33 28.15 14.53
CA ASP A 339 4.72 27.71 14.65
C ASP A 339 5.63 28.34 13.60
N TYR A 340 5.15 28.48 12.36
CA TYR A 340 5.92 29.04 11.25
C TYR A 340 5.07 29.91 10.33
N PRO A 341 5.64 30.98 9.71
CA PRO A 341 4.87 31.72 8.71
C PRO A 341 5.08 31.14 7.30
N GLY A 342 4.18 31.43 6.39
CA GLY A 342 4.32 30.97 5.01
C GLY A 342 5.00 32.00 4.12
N GLU A 343 5.50 31.58 2.95
CA GLU A 343 6.12 32.49 2.00
C GLU A 343 5.07 33.50 1.55
N PRO A 344 5.35 34.81 1.60
CA PRO A 344 4.29 35.77 1.24
C PRO A 344 3.98 35.79 -0.25
N PHE A 345 2.68 35.90 -0.56
CA PHE A 345 2.13 36.09 -1.90
C PHE A 345 2.25 37.58 -2.14
N ILE A 346 3.05 37.97 -3.13
CA ILE A 346 3.32 39.38 -3.37
C ILE A 346 2.57 39.89 -4.59
N LEU A 347 1.85 41.00 -4.40
CA LEU A 347 1.08 41.73 -5.42
C LEU A 347 1.33 43.21 -5.29
N HIS A 348 1.37 43.91 -6.44
CA HIS A 348 1.56 45.35 -6.51
C HIS A 348 0.30 46.01 -7.04
N HIS A 349 -0.17 47.06 -6.36
CA HIS A 349 -1.31 47.84 -6.77
C HIS A 349 -1.08 49.29 -6.35
N SER A 350 -1.31 50.24 -7.25
CA SER A 350 -1.08 51.64 -6.92
C SER A 350 -2.39 52.37 -6.72
N THR A 351 -2.36 53.42 -5.90
CA THR A 351 -3.52 54.24 -5.56
C THR A 351 -3.77 55.29 -6.65
N SER A 352 -5.02 55.74 -6.78
CA SER A 352 -5.42 56.75 -7.75
C SER A 352 -5.36 58.16 -7.16
N GLY A 353 -5.98 59.10 -7.87
CA GLY A 353 -6.06 60.50 -7.51
C GLY A 353 -4.72 61.18 -7.64
N THR A 354 -4.57 62.31 -6.94
CA THR A 354 -3.35 63.10 -6.87
C THR A 354 -3.19 63.51 -5.39
N LYS A 355 -1.95 63.81 -4.98
CA LYS A 355 -1.64 64.18 -3.60
C LYS A 355 -2.09 65.60 -3.27
N CYS B 7 32.10 75.68 -20.16
CA CYS B 7 32.22 74.28 -19.80
C CYS B 7 30.95 73.77 -19.12
N ASP B 8 30.25 74.68 -18.41
CA ASP B 8 28.94 74.41 -17.78
C ASP B 8 27.91 74.10 -18.87
N GLU B 9 28.06 74.70 -20.06
CA GLU B 9 27.22 74.52 -21.24
C GLU B 9 27.55 73.19 -21.94
N LYS B 10 28.85 72.96 -22.24
CA LYS B 10 29.38 71.75 -22.92
C LYS B 10 29.13 70.46 -22.13
N TYR B 11 29.24 70.51 -20.79
CA TYR B 11 29.08 69.34 -19.94
C TYR B 11 27.85 69.38 -19.02
N ALA B 12 26.81 70.15 -19.36
CA ALA B 12 25.61 70.23 -18.52
C ALA B 12 24.88 68.88 -18.40
N ASN B 13 24.91 68.04 -19.46
CA ASN B 13 24.24 66.74 -19.50
C ASN B 13 25.23 65.54 -19.22
N ILE B 14 26.45 65.80 -18.70
CA ILE B 14 27.47 64.78 -18.42
C ILE B 14 26.90 63.66 -17.51
N THR B 15 27.14 62.40 -17.89
CA THR B 15 26.71 61.24 -17.10
C THR B 15 27.93 60.57 -16.46
N VAL B 16 27.69 59.81 -15.39
CA VAL B 16 28.71 59.14 -14.60
C VAL B 16 28.37 57.66 -14.44
N ASP B 17 29.38 56.78 -14.44
CA ASP B 17 29.20 55.37 -14.13
C ASP B 17 29.96 55.08 -12.85
N TYR B 18 29.32 54.37 -11.94
CA TYR B 18 29.91 54.03 -10.66
C TYR B 18 30.46 52.62 -10.66
N LEU B 19 31.76 52.50 -10.37
CA LEU B 19 32.48 51.21 -10.35
C LEU B 19 32.96 50.96 -8.93
N TYR B 20 32.41 49.93 -8.30
CA TYR B 20 32.73 49.54 -6.93
C TYR B 20 33.98 48.71 -6.84
N ASN B 21 34.81 49.02 -5.85
CA ASN B 21 36.00 48.25 -5.53
C ASN B 21 35.66 47.48 -4.25
N LYS B 22 35.52 46.15 -4.36
CA LYS B 22 35.17 45.28 -3.23
C LYS B 22 36.26 45.25 -2.14
N GLU B 23 37.55 45.44 -2.52
CA GLU B 23 38.69 45.45 -1.60
C GLU B 23 38.71 46.72 -0.73
N THR B 24 38.46 47.89 -1.33
CA THR B 24 38.50 49.15 -0.62
C THR B 24 37.14 49.56 -0.05
N LYS B 25 36.03 48.97 -0.57
CA LYS B 25 34.64 49.30 -0.21
C LYS B 25 34.32 50.75 -0.66
N LEU B 26 35.04 51.23 -1.69
CA LEU B 26 34.90 52.57 -2.25
C LEU B 26 34.52 52.52 -3.73
N PHE B 27 33.89 53.59 -4.21
CA PHE B 27 33.45 53.73 -5.58
C PHE B 27 34.40 54.61 -6.38
N THR B 28 34.46 54.35 -7.69
CA THR B 28 35.12 55.16 -8.70
C THR B 28 34.01 55.71 -9.58
N ALA B 29 34.02 57.02 -9.84
CA ALA B 29 33.05 57.64 -10.73
C ALA B 29 33.72 57.84 -12.06
N LYS B 30 33.25 57.14 -13.11
CA LYS B 30 33.80 57.30 -14.45
C LYS B 30 32.94 58.33 -15.18
N LEU B 31 33.58 59.42 -15.62
CA LEU B 31 32.92 60.50 -16.35
C LEU B 31 32.73 60.07 -17.79
N ASN B 32 31.47 60.07 -18.29
CA ASN B 32 31.17 59.63 -19.64
C ASN B 32 31.39 60.77 -20.64
N VAL B 33 32.67 60.96 -20.97
CA VAL B 33 33.18 61.97 -21.91
C VAL B 33 34.33 61.36 -22.72
N ASN B 34 34.49 61.79 -23.97
CA ASN B 34 35.54 61.30 -24.84
C ASN B 34 36.90 61.93 -24.46
N GLU B 35 37.00 63.26 -24.52
CA GLU B 35 38.19 64.05 -24.22
C GLU B 35 38.69 63.92 -22.75
N ASN B 36 40.02 64.10 -22.55
CA ASN B 36 40.70 64.06 -21.26
C ASN B 36 40.40 65.39 -20.54
N VAL B 37 39.41 65.36 -19.67
CA VAL B 37 38.88 66.49 -18.92
C VAL B 37 39.74 66.81 -17.68
N GLU B 38 39.68 68.05 -17.21
CA GLU B 38 40.42 68.51 -16.05
C GLU B 38 39.48 68.81 -14.89
N CYS B 39 39.86 68.40 -13.67
CA CYS B 39 39.05 68.61 -12.48
C CYS B 39 39.82 69.44 -11.46
N GLY B 40 39.13 70.45 -10.92
CA GLY B 40 39.61 71.46 -9.97
C GLY B 40 40.69 71.12 -8.97
N ASN B 41 40.34 71.19 -7.66
CA ASN B 41 41.24 70.79 -6.57
C ASN B 41 41.50 69.27 -6.66
N ASN B 42 40.39 68.51 -6.74
CA ASN B 42 40.38 67.04 -6.83
C ASN B 42 40.79 66.57 -8.23
N THR B 43 41.67 65.56 -8.32
CA THR B 43 42.14 65.04 -9.60
C THR B 43 41.12 64.01 -10.16
N CYS B 44 41.09 63.89 -11.50
CA CYS B 44 40.25 62.94 -12.21
C CYS B 44 41.04 62.31 -13.36
N THR B 45 42.13 61.61 -12.99
CA THR B 45 43.04 60.91 -13.89
C THR B 45 42.27 59.86 -14.69
N ASN B 46 42.40 59.92 -16.03
CA ASN B 46 41.75 59.05 -17.02
C ASN B 46 40.21 59.11 -16.93
N ASN B 47 39.69 60.31 -16.60
CA ASN B 47 38.27 60.69 -16.46
C ASN B 47 37.55 59.90 -15.35
N GLU B 48 38.30 59.58 -14.28
CA GLU B 48 37.80 58.80 -13.15
C GLU B 48 38.04 59.52 -11.83
N VAL B 49 37.01 59.64 -10.99
CA VAL B 49 37.12 60.21 -9.63
C VAL B 49 37.13 58.99 -8.69
N HIS B 50 38.27 58.73 -8.02
CA HIS B 50 38.46 57.56 -7.15
C HIS B 50 38.15 57.79 -5.68
N ASN B 51 38.01 56.67 -4.93
CA ASN B 51 37.85 56.57 -3.48
C ASN B 51 36.69 57.42 -2.94
N LEU B 52 35.50 57.20 -3.51
CA LEU B 52 34.28 57.85 -3.07
C LEU B 52 33.53 56.95 -2.10
N THR B 53 33.17 57.50 -0.93
CA THR B 53 32.41 56.77 0.09
C THR B 53 30.98 56.62 -0.42
N GLU B 54 30.37 55.46 -0.17
CA GLU B 54 28.99 55.18 -0.54
C GLU B 54 28.04 56.15 0.16
N CYS B 55 26.94 56.52 -0.51
CA CYS B 55 25.86 57.35 0.02
C CYS B 55 26.31 58.73 0.56
N LYS B 56 27.35 59.31 -0.05
CA LYS B 56 27.88 60.64 0.29
C LYS B 56 28.02 61.45 -0.98
N ASN B 57 27.61 62.72 -0.92
CA ASN B 57 27.74 63.61 -2.07
C ASN B 57 29.16 64.14 -2.14
N ALA B 58 29.69 64.21 -3.35
CA ALA B 58 31.00 64.75 -3.66
C ALA B 58 30.85 65.75 -4.81
N SER B 59 31.67 66.80 -4.83
CA SER B 59 31.54 67.78 -5.90
C SER B 59 32.81 67.82 -6.74
N VAL B 60 32.63 67.92 -8.06
CA VAL B 60 33.76 67.98 -8.98
C VAL B 60 33.53 69.11 -10.00
N SER B 61 34.51 70.02 -10.15
CA SER B 61 34.43 71.14 -11.10
C SER B 61 35.18 70.75 -12.37
N ILE B 62 34.45 70.60 -13.48
CA ILE B 62 34.97 70.10 -14.75
C ILE B 62 35.19 71.22 -15.79
N SER B 63 36.38 71.18 -16.46
CA SER B 63 36.79 72.09 -17.53
C SER B 63 37.65 71.36 -18.58
N HIS B 64 37.86 72.00 -19.74
CA HIS B 64 38.65 71.51 -20.89
C HIS B 64 39.05 72.71 -21.76
N ASN B 65 40.16 72.59 -22.53
CA ASN B 65 40.67 73.68 -23.37
C ASN B 65 39.67 74.10 -24.47
N SER B 66 38.77 73.17 -24.88
CA SER B 66 37.72 73.38 -25.90
C SER B 66 36.53 74.20 -25.37
N CYS B 67 36.52 74.58 -24.07
CA CYS B 67 35.42 75.36 -23.51
C CYS B 67 35.93 76.44 -22.54
N THR B 68 35.13 77.49 -22.35
CA THR B 68 35.50 78.61 -21.49
C THR B 68 34.81 78.52 -20.10
N ALA B 69 35.19 79.41 -19.18
CA ALA B 69 34.61 79.53 -17.85
C ALA B 69 33.13 80.00 -17.97
N PRO B 70 32.20 79.63 -17.05
CA PRO B 70 32.38 78.86 -15.81
C PRO B 70 32.54 77.36 -16.02
N ASP B 71 33.26 76.73 -15.07
CA ASP B 71 33.46 75.29 -14.99
C ASP B 71 32.14 74.60 -14.74
N LYS B 72 31.99 73.36 -15.19
CA LYS B 72 30.79 72.59 -14.91
C LYS B 72 30.94 71.99 -13.51
N THR B 73 30.11 72.44 -12.55
CA THR B 73 30.13 71.89 -11.20
C THR B 73 29.21 70.67 -11.21
N LEU B 74 29.81 69.49 -11.03
CA LEU B 74 29.11 68.21 -11.03
C LEU B 74 29.01 67.62 -9.63
N ILE B 75 27.78 67.33 -9.18
CA ILE B 75 27.52 66.71 -7.89
C ILE B 75 27.40 65.21 -8.09
N LEU B 76 28.27 64.45 -7.41
CA LEU B 76 28.27 63.00 -7.49
C LEU B 76 27.44 62.44 -6.32
N ASP B 77 26.22 61.90 -6.62
CA ASP B 77 25.33 61.22 -5.65
C ASP B 77 25.72 59.75 -5.66
N VAL B 78 26.69 59.40 -4.80
CA VAL B 78 27.29 58.07 -4.75
C VAL B 78 26.28 57.02 -4.21
N PRO B 79 26.14 55.85 -4.91
CA PRO B 79 25.15 54.84 -4.49
C PRO B 79 25.56 54.01 -3.27
N PRO B 80 24.67 53.10 -2.76
CA PRO B 80 25.09 52.24 -1.65
C PRO B 80 26.05 51.14 -2.14
N GLY B 81 26.77 50.54 -1.19
CA GLY B 81 27.72 49.47 -1.47
C GLY B 81 27.03 48.28 -2.12
N VAL B 82 27.65 47.76 -3.17
CA VAL B 82 27.18 46.66 -4.00
C VAL B 82 26.95 45.37 -3.16
N GLU B 83 27.81 45.11 -2.16
CA GLU B 83 27.71 43.94 -1.28
C GLU B 83 26.55 44.02 -0.28
N LYS B 84 25.81 45.15 -0.25
CA LYS B 84 24.67 45.29 0.67
C LYS B 84 23.38 44.67 0.08
N PHE B 85 23.44 44.17 -1.17
CA PHE B 85 22.32 43.56 -1.91
C PHE B 85 22.67 42.16 -2.39
N GLN B 86 21.73 41.22 -2.21
CA GLN B 86 21.91 39.86 -2.66
C GLN B 86 20.70 39.34 -3.41
N LEU B 87 20.92 38.79 -4.62
CA LEU B 87 19.85 38.20 -5.40
C LEU B 87 19.63 36.79 -4.90
N HIS B 88 18.46 36.58 -4.30
CA HIS B 88 18.05 35.33 -3.67
C HIS B 88 16.95 34.61 -4.44
N ASP B 89 17.06 33.28 -4.54
CA ASP B 89 16.09 32.41 -5.19
C ASP B 89 15.08 31.99 -4.13
N CYS B 90 13.85 32.53 -4.20
CA CYS B 90 12.79 32.23 -3.22
C CYS B 90 11.86 31.10 -3.70
N THR B 91 12.23 30.36 -4.77
CA THR B 91 11.37 29.32 -5.34
C THR B 91 11.03 28.24 -4.30
N GLN B 92 9.72 28.00 -4.14
CA GLN B 92 9.13 26.98 -3.27
C GLN B 92 9.43 25.65 -3.90
N VAL B 93 10.13 24.76 -3.15
CA VAL B 93 10.61 23.45 -3.66
C VAL B 93 9.48 22.58 -4.23
N GLU B 94 8.24 22.71 -3.68
CA GLU B 94 7.06 21.93 -4.09
C GLU B 94 6.58 22.34 -5.49
N LYS B 95 6.87 23.59 -5.91
CA LYS B 95 6.44 24.15 -7.19
C LYS B 95 7.62 24.52 -8.10
N ALA B 96 8.83 23.96 -7.83
CA ALA B 96 10.08 24.24 -8.54
C ALA B 96 10.08 23.83 -10.01
N ASP B 97 9.22 22.87 -10.39
CA ASP B 97 9.13 22.35 -11.73
C ASP B 97 8.36 23.28 -12.67
N THR B 98 7.58 24.24 -12.14
CA THR B 98 6.75 25.14 -12.97
C THR B 98 6.84 26.62 -12.57
N THR B 99 7.66 26.97 -11.57
CA THR B 99 7.76 28.34 -11.08
C THR B 99 9.18 28.77 -10.80
N ILE B 100 9.42 30.09 -10.83
CA ILE B 100 10.65 30.76 -10.47
C ILE B 100 10.25 31.95 -9.61
N CYS B 101 10.88 32.11 -8.45
CA CYS B 101 10.73 33.24 -7.55
C CYS B 101 12.12 33.80 -7.31
N LEU B 102 12.33 35.09 -7.59
CA LEU B 102 13.59 35.79 -7.38
C LEU B 102 13.32 37.06 -6.61
N LYS B 103 14.20 37.36 -5.66
CA LYS B 103 14.04 38.51 -4.79
C LYS B 103 15.39 39.10 -4.41
N TRP B 104 15.53 40.43 -4.47
CA TRP B 104 16.75 41.07 -3.99
C TRP B 104 16.62 41.25 -2.49
N LYS B 105 17.64 40.86 -1.75
CA LYS B 105 17.66 41.03 -0.30
C LYS B 105 18.61 42.18 0.07
N ASN B 106 18.19 43.13 0.92
CA ASN B 106 19.16 44.14 1.31
C ASN B 106 19.65 43.69 2.67
N ILE B 107 20.86 43.09 2.67
CA ILE B 107 21.47 42.42 3.82
C ILE B 107 22.15 43.36 4.84
N GLU B 108 22.30 44.66 4.53
CA GLU B 108 22.90 45.65 5.44
C GLU B 108 22.28 46.98 5.18
N THR B 109 22.15 47.82 6.24
CA THR B 109 21.60 49.18 6.11
C THR B 109 22.56 50.12 5.38
N PHE B 110 22.01 51.14 4.73
CA PHE B 110 22.73 52.19 4.02
C PHE B 110 21.94 53.48 4.21
N THR B 111 22.61 54.65 4.10
CA THR B 111 21.93 55.92 4.34
C THR B 111 21.20 56.52 3.12
N CYS B 112 21.51 56.05 1.89
CA CYS B 112 20.84 56.48 0.66
C CYS B 112 19.32 56.32 0.81
N ASP B 113 18.54 57.24 0.24
CA ASP B 113 17.08 57.16 0.29
C ASP B 113 16.61 55.98 -0.58
N THR B 114 15.73 55.12 -0.03
CA THR B 114 15.17 53.93 -0.67
C THR B 114 14.29 54.29 -1.88
N GLN B 115 13.66 55.49 -1.89
CA GLN B 115 12.79 55.94 -2.99
C GLN B 115 13.58 56.15 -4.30
N ASN B 116 14.92 56.24 -4.21
CA ASN B 116 15.80 56.48 -5.35
C ASN B 116 16.40 55.19 -5.89
N ILE B 117 16.06 54.06 -5.27
CA ILE B 117 16.54 52.73 -5.65
C ILE B 117 15.43 51.96 -6.40
N THR B 118 15.74 51.47 -7.62
CA THR B 118 14.79 50.69 -8.39
C THR B 118 15.42 49.35 -8.86
N TYR B 119 14.63 48.25 -8.86
CA TYR B 119 15.09 46.91 -9.23
C TYR B 119 14.45 46.50 -10.56
N ARG B 120 15.24 46.00 -11.52
CA ARG B 120 14.70 45.53 -12.80
C ARG B 120 15.07 44.08 -13.05
N PHE B 121 14.17 43.30 -13.69
CA PHE B 121 14.41 41.91 -14.07
C PHE B 121 14.00 41.65 -15.49
N GLN B 122 14.71 40.74 -16.16
CA GLN B 122 14.36 40.23 -17.48
C GLN B 122 14.53 38.71 -17.45
N CYS B 123 13.40 37.99 -17.53
CA CYS B 123 13.31 36.54 -17.59
C CYS B 123 12.67 36.24 -18.90
N GLY B 124 13.41 35.50 -19.73
CA GLY B 124 13.02 35.25 -21.10
C GLY B 124 13.04 36.63 -21.73
N ASN B 125 11.88 37.11 -22.17
CA ASN B 125 11.71 38.46 -22.73
C ASN B 125 10.80 39.32 -21.85
N MET B 126 10.31 38.79 -20.71
CA MET B 126 9.42 39.53 -19.81
C MET B 126 10.25 40.47 -18.94
N ILE B 127 9.88 41.76 -18.88
CA ILE B 127 10.59 42.75 -18.08
C ILE B 127 9.73 43.17 -16.90
N PHE B 128 10.33 43.09 -15.71
CA PHE B 128 9.69 43.43 -14.45
C PHE B 128 10.43 44.59 -13.77
N ASP B 129 9.67 45.43 -13.05
CA ASP B 129 10.25 46.55 -12.29
C ASP B 129 9.72 46.46 -10.85
N ASN B 130 10.38 45.66 -9.98
CA ASN B 130 10.05 45.34 -8.59
C ASN B 130 11.21 44.64 -7.92
N LYS B 131 11.31 44.75 -6.58
CA LYS B 131 12.31 44.11 -5.72
C LYS B 131 12.24 42.57 -5.84
N GLU B 132 11.03 42.03 -6.04
CA GLU B 132 10.82 40.58 -6.20
C GLU B 132 9.87 40.26 -7.34
N ILE B 133 10.08 39.08 -7.97
CA ILE B 133 9.29 38.59 -9.11
C ILE B 133 8.97 37.08 -9.02
N LYS B 134 7.89 36.63 -9.71
CA LYS B 134 7.43 35.25 -9.74
C LYS B 134 6.98 34.91 -11.16
N LEU B 135 7.47 33.80 -11.69
CA LEU B 135 7.07 33.26 -12.99
C LEU B 135 6.36 31.96 -12.72
N GLU B 136 5.23 31.72 -13.39
CA GLU B 136 4.39 30.55 -13.20
C GLU B 136 4.11 29.89 -14.54
N ASN B 137 3.60 28.62 -14.53
CA ASN B 137 3.25 27.83 -15.72
C ASN B 137 4.45 27.52 -16.60
N LEU B 138 5.63 27.47 -15.98
CA LEU B 138 6.84 27.16 -16.73
C LEU B 138 6.80 25.68 -17.06
N GLU B 139 7.35 25.33 -18.20
CA GLU B 139 7.44 23.96 -18.66
C GLU B 139 8.48 23.24 -17.82
N PRO B 140 8.27 22.04 -17.21
CA PRO B 140 9.37 21.39 -16.45
C PRO B 140 10.52 20.92 -17.33
N GLU B 141 11.75 20.76 -16.76
CA GLU B 141 12.99 20.26 -17.41
C GLU B 141 13.58 21.24 -18.46
N HIS B 142 13.50 22.55 -18.19
CA HIS B 142 13.96 23.68 -19.04
C HIS B 142 14.87 24.53 -18.20
N GLU B 143 15.64 25.37 -18.89
CA GLU B 143 16.59 26.26 -18.27
C GLU B 143 16.36 27.69 -18.71
N TYR B 144 16.32 28.63 -17.75
CA TYR B 144 16.07 30.05 -18.05
C TYR B 144 17.09 30.97 -17.43
N LYS B 145 17.48 32.01 -18.19
CA LYS B 145 18.45 33.01 -17.74
C LYS B 145 17.71 34.28 -17.36
N CYS B 146 17.66 34.55 -16.07
CA CYS B 146 17.03 35.74 -15.54
C CYS B 146 18.11 36.79 -15.20
N ASP B 147 18.10 37.91 -15.92
CA ASP B 147 19.01 39.04 -15.71
C ASP B 147 18.35 40.10 -14.84
N SER B 148 19.12 40.72 -13.93
CA SER B 148 18.60 41.78 -13.04
C SER B 148 19.62 42.88 -12.78
N GLU B 149 19.15 44.09 -12.51
CA GLU B 149 20.02 45.22 -12.18
C GLU B 149 19.36 46.11 -11.13
N ILE B 150 20.19 46.86 -10.38
CA ILE B 150 19.73 47.82 -9.38
C ILE B 150 20.20 49.20 -9.80
N LEU B 151 19.27 50.15 -9.82
CA LEU B 151 19.52 51.53 -10.20
C LEU B 151 19.41 52.43 -8.98
N TYR B 152 20.24 53.49 -8.94
CA TYR B 152 20.21 54.56 -7.94
C TYR B 152 20.10 55.86 -8.73
N ASN B 153 18.98 56.60 -8.58
CA ASN B 153 18.68 57.80 -9.37
C ASN B 153 18.71 57.46 -10.88
N ASN B 154 18.19 56.26 -11.24
CA ASN B 154 18.09 55.68 -12.58
C ASN B 154 19.47 55.32 -13.20
N HIS B 155 20.55 55.33 -12.38
CA HIS B 155 21.90 54.92 -12.77
C HIS B 155 22.17 53.52 -12.23
N LYS B 156 22.51 52.60 -13.11
CA LYS B 156 22.83 51.23 -12.71
C LYS B 156 24.15 51.21 -11.92
N PHE B 157 24.13 50.62 -10.71
CA PHE B 157 25.35 50.51 -9.90
C PHE B 157 25.72 49.04 -9.62
N THR B 158 24.76 48.11 -9.81
CA THR B 158 24.98 46.69 -9.60
C THR B 158 23.99 45.87 -10.45
N ASN B 159 24.35 44.62 -10.66
CA ASN B 159 23.56 43.69 -11.45
C ASN B 159 23.97 42.26 -11.15
N ALA B 160 23.13 41.30 -11.55
CA ALA B 160 23.36 39.88 -11.39
C ALA B 160 22.49 39.09 -12.38
N SER B 161 22.90 37.86 -12.64
CA SER B 161 22.21 36.93 -13.49
C SER B 161 21.99 35.67 -12.75
N LYS B 162 20.83 35.05 -12.99
CA LYS B 162 20.54 33.78 -12.36
C LYS B 162 19.97 32.84 -13.39
N ILE B 163 20.70 31.73 -13.60
CA ILE B 163 20.29 30.65 -14.49
C ILE B 163 19.56 29.64 -13.61
N ILE B 164 18.27 29.36 -13.93
CA ILE B 164 17.42 28.44 -13.17
C ILE B 164 16.92 27.33 -14.07
N LYS B 165 16.85 26.11 -13.51
CA LYS B 165 16.34 24.89 -14.15
C LYS B 165 15.00 24.48 -13.48
N THR B 166 13.97 24.14 -14.28
CA THR B 166 12.63 23.84 -13.75
C THR B 166 12.44 22.36 -13.47
N ASP B 167 12.93 21.89 -12.31
CA ASP B 167 12.85 20.51 -11.77
C ASP B 167 11.90 19.53 -12.54
N PHE B 168 12.13 18.21 -12.38
CA PHE B 168 11.35 17.14 -13.02
C PHE B 168 9.87 17.25 -12.62
N GLY B 169 9.00 17.20 -13.62
CA GLY B 169 7.54 17.31 -13.42
C GLY B 169 6.85 16.00 -13.10
N SER B 170 5.50 16.04 -13.06
CA SER B 170 4.64 14.87 -12.80
C SER B 170 4.68 13.88 -13.97
N PRO B 171 4.58 12.55 -13.74
CA PRO B 171 4.76 11.59 -14.83
C PRO B 171 3.62 11.41 -15.84
N GLY B 172 2.42 11.89 -15.54
CA GLY B 172 1.26 11.65 -16.41
C GLY B 172 0.59 10.35 -16.01
N GLU B 173 -0.71 10.20 -16.30
CA GLU B 173 -1.43 9.01 -15.85
C GLU B 173 -1.26 7.76 -16.74
N PRO B 174 -1.21 6.55 -16.13
CA PRO B 174 -1.15 5.33 -16.95
C PRO B 174 -2.48 5.05 -17.65
N GLN B 175 -2.51 4.03 -18.51
CA GLN B 175 -3.72 3.63 -19.22
C GLN B 175 -4.09 2.24 -18.75
N ILE B 176 -5.26 2.09 -18.13
CA ILE B 176 -5.71 0.77 -17.67
C ILE B 176 -6.34 0.07 -18.88
N ILE B 177 -5.75 -1.08 -19.29
CA ILE B 177 -6.22 -1.89 -20.42
C ILE B 177 -7.52 -2.57 -20.01
N PHE B 178 -7.49 -3.27 -18.86
CA PHE B 178 -8.64 -3.93 -18.24
C PHE B 178 -8.30 -4.39 -16.84
N CYS B 179 -9.29 -4.28 -15.96
CA CYS B 179 -9.21 -4.83 -14.60
C CYS B 179 -10.48 -5.65 -14.41
N ARG B 180 -10.28 -6.96 -14.21
CA ARG B 180 -11.36 -7.92 -14.15
C ARG B 180 -11.12 -9.04 -13.13
N SER B 181 -12.17 -9.84 -12.92
CA SER B 181 -12.16 -11.00 -12.04
C SER B 181 -12.60 -12.21 -12.83
N GLU B 182 -11.86 -13.32 -12.70
CA GLU B 182 -12.23 -14.59 -13.34
C GLU B 182 -12.52 -15.66 -12.27
N ALA B 183 -12.29 -15.30 -10.99
CA ALA B 183 -12.51 -16.10 -9.79
C ALA B 183 -13.26 -15.29 -8.72
N ALA B 184 -13.64 -15.93 -7.61
CA ALA B 184 -14.40 -15.28 -6.53
C ALA B 184 -13.50 -14.51 -5.55
N HIS B 185 -12.24 -14.94 -5.37
CA HIS B 185 -11.29 -14.35 -4.43
C HIS B 185 -10.10 -13.68 -5.13
N GLN B 186 -10.06 -13.73 -6.47
CA GLN B 186 -8.95 -13.20 -7.28
C GLN B 186 -9.41 -12.21 -8.34
N GLY B 187 -8.57 -11.22 -8.59
CA GLY B 187 -8.76 -10.20 -9.61
C GLY B 187 -7.44 -9.90 -10.29
N VAL B 188 -7.46 -9.12 -11.39
CA VAL B 188 -6.24 -8.76 -12.11
C VAL B 188 -6.35 -7.34 -12.70
N ILE B 189 -5.22 -6.65 -12.89
CA ILE B 189 -5.15 -5.30 -13.45
C ILE B 189 -4.00 -5.26 -14.47
N THR B 190 -4.31 -4.81 -15.69
CA THR B 190 -3.33 -4.68 -16.78
C THR B 190 -3.34 -3.23 -17.25
N TRP B 191 -2.16 -2.61 -17.27
CA TRP B 191 -2.01 -1.22 -17.67
C TRP B 191 -0.83 -1.00 -18.62
N ASN B 192 -0.78 0.20 -19.21
CA ASN B 192 0.31 0.65 -20.07
C ASN B 192 1.06 1.75 -19.34
N PRO B 193 2.41 1.77 -19.35
CA PRO B 193 3.13 2.83 -18.62
C PRO B 193 2.94 4.20 -19.28
N PRO B 194 2.84 5.32 -18.52
CA PRO B 194 2.61 6.62 -19.15
C PRO B 194 3.83 7.12 -19.92
N GLN B 195 3.61 7.99 -20.93
CA GLN B 195 4.69 8.55 -21.72
C GLN B 195 5.41 9.61 -20.89
N ARG B 196 6.63 9.25 -20.42
CA ARG B 196 7.58 10.01 -19.59
C ARG B 196 8.48 9.04 -18.80
N SER B 197 9.32 9.62 -17.92
CA SER B 197 10.19 8.89 -17.00
C SER B 197 9.60 9.03 -15.60
N PHE B 198 9.36 7.89 -14.96
CA PHE B 198 8.79 7.79 -13.61
C PHE B 198 9.64 6.83 -12.79
N HIS B 199 9.56 6.94 -11.47
CA HIS B 199 10.35 6.10 -10.59
C HIS B 199 9.60 4.83 -10.18
N ASN B 200 8.26 4.93 -10.00
CA ASN B 200 7.43 3.78 -9.57
C ASN B 200 5.92 4.02 -9.79
N PHE B 201 5.09 3.05 -9.37
CA PHE B 201 3.62 3.06 -9.44
C PHE B 201 3.00 2.93 -8.05
N THR B 202 1.74 3.37 -7.91
CA THR B 202 0.97 3.24 -6.68
C THR B 202 -0.43 2.72 -7.02
N LEU B 203 -0.76 1.53 -6.50
CA LEU B 203 -2.06 0.90 -6.71
C LEU B 203 -2.86 1.00 -5.42
N CYS B 204 -4.02 1.64 -5.50
CA CYS B 204 -4.87 1.85 -4.35
C CYS B 204 -6.24 1.21 -4.52
N TYR B 205 -6.81 0.74 -3.41
CA TYR B 205 -8.17 0.25 -3.33
C TYR B 205 -9.00 1.43 -2.85
N ILE B 206 -10.16 1.69 -3.48
CA ILE B 206 -10.96 2.83 -3.07
C ILE B 206 -12.25 2.37 -2.40
N LYS B 207 -12.37 2.73 -1.12
CA LYS B 207 -13.52 2.56 -0.24
C LYS B 207 -13.91 3.99 0.13
N GLU B 208 -15.21 4.34 0.18
CA GLU B 208 -15.61 5.74 0.41
C GLU B 208 -14.91 6.39 1.64
N THR B 209 -14.47 5.55 2.61
CA THR B 209 -13.81 5.94 3.86
C THR B 209 -12.26 6.13 3.72
N GLU B 210 -11.52 5.07 3.30
CA GLU B 210 -10.06 5.09 3.26
C GLU B 210 -9.46 4.66 1.90
N LYS B 211 -8.11 4.71 1.79
CA LYS B 211 -7.33 4.30 0.61
C LYS B 211 -6.28 3.26 1.01
N ASP B 212 -6.41 2.03 0.46
CA ASP B 212 -5.44 0.98 0.75
C ASP B 212 -4.49 0.89 -0.43
N CYS B 213 -3.30 1.47 -0.27
CA CYS B 213 -2.30 1.59 -1.33
C CYS B 213 -1.09 0.64 -1.14
N LEU B 214 -0.50 0.28 -2.30
CA LEU B 214 0.68 -0.54 -2.53
C LEU B 214 1.65 0.16 -3.47
N ASN B 215 2.96 0.01 -3.23
CA ASN B 215 3.98 0.58 -4.11
C ASN B 215 4.54 -0.55 -4.97
N LEU B 216 4.29 -0.47 -6.28
CA LEU B 216 4.75 -1.48 -7.25
C LEU B 216 5.98 -0.97 -8.00
N ASP B 217 6.75 -1.91 -8.59
CA ASP B 217 7.94 -1.59 -9.37
C ASP B 217 7.53 -0.99 -10.71
N LYS B 218 8.32 -0.04 -11.24
CA LYS B 218 8.06 0.69 -12.49
C LYS B 218 8.07 -0.23 -13.73
N ASN B 219 8.67 -1.43 -13.62
CA ASN B 219 8.80 -2.37 -14.72
C ASN B 219 7.55 -3.21 -14.99
N LEU B 220 6.82 -3.63 -13.93
CA LEU B 220 5.64 -4.48 -14.11
C LEU B 220 4.43 -3.71 -14.64
N ILE B 221 3.65 -4.36 -15.52
CA ILE B 221 2.44 -3.84 -16.19
C ILE B 221 1.24 -4.81 -15.97
N LYS B 222 1.29 -5.56 -14.86
CA LYS B 222 0.25 -6.52 -14.46
C LYS B 222 0.36 -6.82 -12.97
N TYR B 223 -0.77 -6.76 -12.24
CA TYR B 223 -0.79 -7.09 -10.83
C TYR B 223 -1.95 -8.03 -10.51
N ASP B 224 -1.65 -9.13 -9.81
CA ASP B 224 -2.63 -10.13 -9.41
C ASP B 224 -3.16 -9.80 -8.02
N LEU B 225 -4.43 -9.34 -7.96
CA LEU B 225 -5.15 -8.96 -6.73
C LEU B 225 -5.68 -10.23 -6.06
N GLN B 226 -5.08 -10.60 -4.92
CA GLN B 226 -5.41 -11.83 -4.18
C GLN B 226 -6.22 -11.54 -2.90
N ASN B 227 -6.80 -12.61 -2.30
CA ASN B 227 -7.59 -12.61 -1.06
C ASN B 227 -8.75 -11.59 -1.09
N LEU B 228 -9.65 -11.74 -2.07
CA LEU B 228 -10.83 -10.87 -2.24
C LEU B 228 -12.12 -11.58 -1.76
N LYS B 229 -13.18 -10.80 -1.48
CA LYS B 229 -14.47 -11.33 -1.00
C LYS B 229 -15.39 -11.60 -2.20
N PRO B 230 -16.06 -12.79 -2.32
CA PRO B 230 -16.93 -13.03 -3.48
C PRO B 230 -18.10 -12.06 -3.62
N TYR B 231 -18.53 -11.82 -4.88
CA TYR B 231 -19.63 -10.95 -5.32
C TYR B 231 -19.56 -9.53 -4.69
N THR B 232 -18.39 -8.87 -4.78
CA THR B 232 -18.19 -7.52 -4.27
C THR B 232 -17.46 -6.65 -5.30
N LYS B 233 -17.87 -5.37 -5.38
CA LYS B 233 -17.31 -4.40 -6.30
C LYS B 233 -16.07 -3.77 -5.67
N TYR B 234 -14.97 -3.74 -6.43
CA TYR B 234 -13.70 -3.15 -6.03
C TYR B 234 -13.36 -1.99 -6.94
N VAL B 235 -13.12 -0.80 -6.36
CA VAL B 235 -12.74 0.40 -7.12
C VAL B 235 -11.23 0.57 -6.98
N LEU B 236 -10.50 0.35 -8.07
CA LEU B 236 -9.05 0.47 -8.12
C LEU B 236 -8.62 1.84 -8.64
N SER B 237 -7.44 2.31 -8.20
CA SER B 237 -6.84 3.59 -8.61
C SER B 237 -5.33 3.39 -8.83
N LEU B 238 -4.84 3.72 -10.03
CA LEU B 238 -3.42 3.55 -10.34
C LEU B 238 -2.82 4.83 -10.85
N HIS B 239 -1.72 5.25 -10.21
CA HIS B 239 -0.97 6.44 -10.61
C HIS B 239 0.52 6.19 -10.51
N ALA B 240 1.29 6.93 -11.30
CA ALA B 240 2.75 6.86 -11.32
C ALA B 240 3.32 8.07 -10.60
N TYR B 241 4.51 7.92 -9.99
CA TYR B 241 5.16 9.01 -9.29
C TYR B 241 6.67 9.06 -9.59
N ILE B 242 7.29 10.20 -9.25
CA ILE B 242 8.72 10.45 -9.40
C ILE B 242 9.24 11.17 -8.14
N ILE B 243 10.49 10.88 -7.74
CA ILE B 243 11.10 11.52 -6.58
C ILE B 243 12.08 12.59 -7.09
N ALA B 244 11.61 13.84 -7.14
CA ALA B 244 12.35 15.01 -7.57
C ALA B 244 12.88 15.74 -6.32
N LYS B 245 12.71 17.08 -6.22
CA LYS B 245 13.10 17.86 -5.03
C LYS B 245 12.03 17.63 -3.96
N VAL B 246 10.94 16.95 -4.37
CA VAL B 246 9.74 16.57 -3.64
C VAL B 246 9.09 15.41 -4.42
N GLN B 247 8.26 14.56 -3.78
CA GLN B 247 7.56 13.50 -4.50
C GLN B 247 6.48 14.09 -5.41
N ARG B 248 6.51 13.77 -6.71
CA ARG B 248 5.54 14.30 -7.68
C ARG B 248 4.67 13.19 -8.24
N ASN B 249 3.38 13.15 -7.84
CA ASN B 249 2.45 12.14 -8.32
C ASN B 249 1.73 12.61 -9.56
N GLY B 250 1.60 11.70 -10.52
CA GLY B 250 0.87 11.97 -11.76
C GLY B 250 -0.61 11.75 -11.55
N SER B 251 -1.43 12.07 -12.56
CA SER B 251 -2.88 11.87 -12.53
C SER B 251 -3.21 10.38 -12.29
N ALA B 252 -4.35 10.09 -11.63
CA ALA B 252 -4.71 8.70 -11.32
C ALA B 252 -5.83 8.19 -12.21
N ALA B 253 -5.59 7.01 -12.80
CA ALA B 253 -6.52 6.31 -13.65
C ALA B 253 -7.38 5.38 -12.77
N MET B 254 -8.69 5.38 -13.01
CA MET B 254 -9.61 4.58 -12.21
C MET B 254 -10.28 3.49 -13.04
N CYS B 255 -10.57 2.37 -12.36
CA CYS B 255 -11.24 1.24 -12.94
C CYS B 255 -11.96 0.49 -11.81
N HIS B 256 -13.00 -0.29 -12.16
CA HIS B 256 -13.78 -1.02 -11.18
C HIS B 256 -14.24 -2.36 -11.74
N PHE B 257 -14.40 -3.33 -10.85
CA PHE B 257 -14.83 -4.67 -11.20
C PHE B 257 -15.51 -5.31 -10.02
N THR B 258 -16.46 -6.21 -10.32
CA THR B 258 -17.17 -6.97 -9.31
C THR B 258 -16.69 -8.41 -9.46
N THR B 259 -16.26 -9.01 -8.35
CA THR B 259 -15.70 -10.36 -8.31
C THR B 259 -16.84 -11.42 -8.45
N LYS B 260 -16.51 -12.63 -8.96
CA LYS B 260 -17.46 -13.72 -9.21
C LYS B 260 -18.10 -14.24 -7.92
N SER B 261 -19.31 -14.82 -8.04
CA SER B 261 -20.06 -15.37 -6.94
C SER B 261 -19.48 -16.72 -6.52
N ALA B 262 -19.81 -17.14 -5.30
CA ALA B 262 -19.38 -18.39 -4.70
C ALA B 262 -20.49 -18.97 -3.80
N PRO B 263 -20.41 -20.22 -3.27
CA PRO B 263 -21.47 -20.70 -2.36
C PRO B 263 -21.59 -19.81 -1.12
N PRO B 264 -22.82 -19.52 -0.66
CA PRO B 264 -22.97 -18.67 0.53
C PRO B 264 -22.55 -19.38 1.82
N SER B 265 -22.35 -18.60 2.89
CA SER B 265 -22.03 -19.14 4.22
C SER B 265 -23.29 -19.86 4.76
N GLN B 266 -23.16 -20.61 5.86
CA GLN B 266 -24.32 -21.31 6.44
C GLN B 266 -25.30 -20.29 7.02
N VAL B 267 -26.61 -20.63 7.03
CA VAL B 267 -27.66 -19.78 7.61
C VAL B 267 -27.37 -19.58 9.11
N TRP B 268 -27.85 -18.47 9.67
CA TRP B 268 -27.59 -18.16 11.06
C TRP B 268 -28.75 -18.55 11.98
N ASN B 269 -28.42 -18.99 13.20
CA ASN B 269 -29.33 -19.33 14.30
C ASN B 269 -30.59 -20.10 13.85
N MET B 270 -30.41 -21.25 13.20
CA MET B 270 -31.56 -22.07 12.78
C MET B 270 -32.25 -22.68 14.02
N THR B 271 -33.60 -22.71 14.00
CA THR B 271 -34.43 -23.27 15.08
C THR B 271 -35.61 -24.05 14.53
N VAL B 272 -35.97 -25.13 15.24
CA VAL B 272 -37.12 -25.99 14.97
C VAL B 272 -37.95 -26.02 16.26
N SER B 273 -39.23 -25.63 16.20
CA SER B 273 -40.09 -25.62 17.39
C SER B 273 -41.47 -26.20 17.07
N MET B 274 -42.01 -27.03 17.97
CA MET B 274 -43.30 -27.68 17.78
C MET B 274 -44.45 -26.69 17.85
N THR B 275 -45.35 -26.75 16.86
CA THR B 275 -46.55 -25.90 16.78
C THR B 275 -47.79 -26.76 17.12
N SER B 276 -47.65 -28.09 17.04
CA SER B 276 -48.65 -29.11 17.38
C SER B 276 -47.94 -30.46 17.63
N ASP B 277 -48.70 -31.55 17.70
CA ASP B 277 -48.12 -32.87 17.91
C ASP B 277 -47.43 -33.39 16.64
N ASN B 278 -47.83 -32.88 15.45
CA ASN B 278 -47.26 -33.30 14.17
C ASN B 278 -46.82 -32.13 13.26
N SER B 279 -46.60 -30.93 13.83
CA SER B 279 -46.18 -29.79 13.02
C SER B 279 -45.07 -28.99 13.69
N MET B 280 -44.06 -28.61 12.88
CA MET B 280 -42.91 -27.84 13.33
C MET B 280 -42.85 -26.47 12.68
N HIS B 281 -42.21 -25.50 13.35
CA HIS B 281 -41.98 -24.17 12.82
C HIS B 281 -40.49 -23.97 12.71
N VAL B 282 -40.01 -23.89 11.47
CA VAL B 282 -38.58 -23.76 11.18
C VAL B 282 -38.29 -22.33 10.74
N LYS B 283 -37.36 -21.70 11.44
CA LYS B 283 -36.91 -20.35 11.15
C LYS B 283 -35.42 -20.25 11.37
N CYS B 284 -34.78 -19.42 10.55
CA CYS B 284 -33.35 -19.14 10.60
C CYS B 284 -33.10 -17.68 10.19
N ARG B 285 -31.87 -17.19 10.37
CA ARG B 285 -31.46 -15.83 10.02
C ARG B 285 -30.57 -15.88 8.76
N PRO B 286 -30.41 -14.75 8.01
CA PRO B 286 -29.63 -14.81 6.77
C PRO B 286 -28.15 -15.15 6.97
N PRO B 287 -27.50 -15.80 5.97
CA PRO B 287 -26.05 -16.07 6.11
C PRO B 287 -25.29 -14.75 6.17
N ARG B 288 -24.15 -14.73 6.87
CA ARG B 288 -23.35 -13.50 7.00
C ARG B 288 -22.77 -13.09 5.66
N ASP B 289 -22.33 -14.09 4.88
CA ASP B 289 -21.83 -13.93 3.52
C ASP B 289 -22.82 -14.59 2.53
N ARG B 290 -23.60 -13.75 1.81
CA ARG B 290 -24.58 -14.24 0.82
C ARG B 290 -23.83 -14.66 -0.45
N ASN B 291 -22.78 -13.91 -0.81
CA ASN B 291 -21.84 -14.11 -1.92
C ASN B 291 -22.53 -14.33 -3.27
N GLY B 292 -23.65 -13.65 -3.48
CA GLY B 292 -24.40 -13.78 -4.71
C GLY B 292 -25.50 -12.75 -4.91
N PRO B 293 -26.16 -12.77 -6.09
CA PRO B 293 -27.16 -11.76 -6.38
C PRO B 293 -28.55 -11.93 -5.76
N HIS B 294 -29.13 -13.14 -5.81
CA HIS B 294 -30.53 -13.35 -5.38
C HIS B 294 -30.66 -13.95 -3.98
N GLU B 295 -31.91 -14.01 -3.48
CA GLU B 295 -32.27 -14.47 -2.14
C GLU B 295 -33.36 -15.54 -2.20
N ARG B 296 -33.09 -16.70 -1.56
CA ARG B 296 -34.00 -17.85 -1.47
C ARG B 296 -33.49 -18.79 -0.39
N TYR B 297 -34.43 -19.33 0.42
CA TYR B 297 -34.15 -20.27 1.49
C TYR B 297 -34.78 -21.60 1.15
N HIS B 298 -34.01 -22.67 1.34
CA HIS B 298 -34.43 -24.03 1.04
C HIS B 298 -34.46 -24.87 2.30
N LEU B 299 -35.45 -25.75 2.40
CA LEU B 299 -35.59 -26.66 3.51
C LEU B 299 -35.79 -28.06 3.03
N GLU B 300 -34.97 -28.97 3.55
CA GLU B 300 -35.03 -30.39 3.25
C GLU B 300 -35.34 -31.12 4.54
N VAL B 301 -36.44 -31.87 4.55
CA VAL B 301 -36.86 -32.65 5.71
C VAL B 301 -36.63 -34.12 5.37
N GLU B 302 -35.89 -34.81 6.22
CA GLU B 302 -35.58 -36.22 6.05
C GLU B 302 -36.13 -37.03 7.20
N ALA B 303 -36.49 -38.27 6.92
CA ALA B 303 -36.99 -39.22 7.90
C ALA B 303 -36.44 -40.58 7.58
N GLY B 304 -35.72 -41.16 8.53
CA GLY B 304 -35.10 -42.48 8.39
C GLY B 304 -34.12 -42.59 7.24
N ASN B 305 -33.22 -41.58 7.11
CA ASN B 305 -32.18 -41.46 6.08
C ASN B 305 -32.77 -41.42 4.64
N THR B 306 -33.98 -40.82 4.50
CA THR B 306 -34.67 -40.63 3.20
C THR B 306 -35.33 -39.26 3.19
N LEU B 307 -35.20 -38.51 2.06
CA LEU B 307 -35.82 -37.20 1.90
C LEU B 307 -37.34 -37.35 1.78
N VAL B 308 -38.09 -36.72 2.70
CA VAL B 308 -39.56 -36.77 2.74
C VAL B 308 -40.19 -35.44 2.30
N ARG B 309 -39.54 -34.28 2.57
CA ARG B 309 -40.06 -32.98 2.17
C ARG B 309 -38.97 -32.05 1.67
N ASN B 310 -39.29 -31.26 0.63
CA ASN B 310 -38.39 -30.28 0.04
C ASN B 310 -39.20 -29.03 -0.35
N GLU B 311 -39.06 -27.96 0.47
CA GLU B 311 -39.76 -26.67 0.33
C GLU B 311 -38.76 -25.51 0.16
N SER B 312 -39.20 -24.44 -0.54
CA SER B 312 -38.39 -23.24 -0.75
C SER B 312 -39.22 -21.97 -0.55
N HIS B 313 -38.62 -20.91 0.02
CA HIS B 313 -39.27 -19.63 0.25
C HIS B 313 -38.28 -18.47 0.08
N LYS B 314 -38.81 -17.24 -0.04
CA LYS B 314 -38.01 -16.01 -0.15
C LYS B 314 -37.46 -15.64 1.24
N ASN B 315 -38.16 -16.06 2.30
CA ASN B 315 -37.80 -15.83 3.70
C ASN B 315 -37.58 -17.16 4.41
N CYS B 316 -36.67 -17.18 5.41
CA CYS B 316 -36.39 -18.40 6.16
C CYS B 316 -37.41 -18.61 7.26
N ASP B 317 -38.65 -18.90 6.86
CA ASP B 317 -39.78 -19.16 7.72
C ASP B 317 -40.61 -20.26 7.07
N PHE B 318 -40.51 -21.46 7.62
CA PHE B 318 -41.20 -22.64 7.11
C PHE B 318 -42.11 -23.24 8.17
N ARG B 319 -43.35 -23.57 7.78
CA ARG B 319 -44.31 -24.23 8.64
C ARG B 319 -44.51 -25.62 8.07
N VAL B 320 -43.88 -26.63 8.70
CA VAL B 320 -43.94 -28.02 8.27
C VAL B 320 -45.12 -28.67 9.00
N LYS B 321 -46.19 -28.96 8.27
CA LYS B 321 -47.43 -29.49 8.82
C LYS B 321 -47.72 -30.93 8.37
N ASP B 322 -48.67 -31.58 9.05
CA ASP B 322 -49.20 -32.92 8.78
C ASP B 322 -48.09 -33.99 8.65
N LEU B 323 -47.19 -34.05 9.66
CA LEU B 323 -46.11 -35.04 9.71
C LEU B 323 -46.62 -36.28 10.45
N GLN B 324 -45.82 -37.36 10.45
CA GLN B 324 -46.15 -38.58 11.18
C GLN B 324 -45.85 -38.36 12.66
N TYR B 325 -46.71 -38.90 13.55
CA TYR B 325 -46.57 -38.79 15.01
C TYR B 325 -45.45 -39.70 15.52
N SER B 326 -44.81 -39.32 16.66
CA SER B 326 -43.72 -40.06 17.32
C SER B 326 -42.64 -40.52 16.33
N THR B 327 -42.11 -39.58 15.53
CA THR B 327 -41.10 -39.85 14.50
C THR B 327 -39.95 -38.84 14.60
N ASP B 328 -38.69 -39.33 14.53
CA ASP B 328 -37.47 -38.51 14.58
C ASP B 328 -37.19 -37.96 13.17
N TYR B 329 -37.25 -36.62 13.02
CA TYR B 329 -37.04 -35.94 11.76
C TYR B 329 -35.74 -35.11 11.74
N THR B 330 -35.12 -34.99 10.54
CA THR B 330 -33.91 -34.21 10.28
C THR B 330 -34.30 -33.02 9.42
N PHE B 331 -33.87 -31.82 9.81
CA PHE B 331 -34.19 -30.57 9.12
C PHE B 331 -32.89 -29.92 8.59
N LYS B 332 -32.75 -29.88 7.25
CA LYS B 332 -31.60 -29.31 6.54
C LYS B 332 -32.01 -28.01 5.83
N ALA B 333 -31.58 -26.86 6.36
CA ALA B 333 -31.91 -25.55 5.79
C ALA B 333 -30.68 -24.87 5.26
N TYR B 334 -30.80 -24.28 4.07
CA TYR B 334 -29.71 -23.59 3.40
C TYR B 334 -30.23 -22.48 2.49
N PHE B 335 -29.33 -21.53 2.19
CA PHE B 335 -29.57 -20.36 1.35
C PHE B 335 -29.05 -20.65 -0.06
N HIS B 336 -29.73 -20.11 -1.07
CA HIS B 336 -29.33 -20.21 -2.46
C HIS B 336 -29.34 -18.80 -3.03
N ASN B 337 -28.15 -18.33 -3.43
CA ASN B 337 -27.94 -16.97 -3.93
C ASN B 337 -28.32 -16.81 -5.42
N GLY B 338 -28.78 -17.90 -6.04
CA GLY B 338 -29.15 -17.91 -7.44
C GLY B 338 -28.13 -18.65 -8.29
N ASP B 339 -26.86 -18.65 -7.84
CA ASP B 339 -25.76 -19.27 -8.55
C ASP B 339 -25.26 -20.55 -7.85
N TYR B 340 -25.21 -20.55 -6.51
CA TYR B 340 -24.73 -21.68 -5.72
C TYR B 340 -25.53 -21.90 -4.45
N PRO B 341 -25.71 -23.14 -3.95
CA PRO B 341 -26.35 -23.32 -2.63
C PRO B 341 -25.31 -23.36 -1.50
N GLY B 342 -25.75 -23.11 -0.28
CA GLY B 342 -24.86 -23.15 0.87
C GLY B 342 -24.90 -24.50 1.58
N GLU B 343 -23.90 -24.76 2.46
CA GLU B 343 -23.85 -25.98 3.27
C GLU B 343 -25.06 -26.02 4.19
N PRO B 344 -25.85 -27.12 4.23
CA PRO B 344 -27.05 -27.11 5.07
C PRO B 344 -26.75 -27.16 6.56
N PHE B 345 -27.53 -26.37 7.33
CA PHE B 345 -27.56 -26.34 8.79
C PHE B 345 -28.46 -27.49 9.18
N ILE B 346 -27.92 -28.49 9.88
CA ILE B 346 -28.68 -29.68 10.20
C ILE B 346 -29.11 -29.69 11.67
N LEU B 347 -30.42 -29.91 11.90
CA LEU B 347 -31.07 -30.03 13.19
C LEU B 347 -32.03 -31.22 13.21
N HIS B 348 -32.13 -31.89 14.36
CA HIS B 348 -33.01 -33.02 14.57
C HIS B 348 -34.09 -32.67 15.57
N HIS B 349 -35.35 -32.96 15.23
CA HIS B 349 -36.49 -32.74 16.12
C HIS B 349 -37.50 -33.82 15.87
N SER B 350 -38.05 -34.41 16.94
CA SER B 350 -39.02 -35.49 16.86
C SER B 350 -40.45 -35.03 17.17
N THR B 351 -41.45 -35.77 16.63
CA THR B 351 -42.88 -35.51 16.81
C THR B 351 -43.41 -36.26 18.05
N SER B 352 -44.66 -35.94 18.47
CA SER B 352 -45.32 -36.57 19.63
C SER B 352 -46.69 -37.15 19.25
N GLY B 353 -47.15 -38.16 19.99
CA GLY B 353 -48.43 -38.80 19.77
C GLY B 353 -48.42 -40.30 20.04
#